data_5OCR
#
_entry.id   5OCR
#
_cell.length_a   40.960
_cell.length_b   83.040
_cell.length_c   85.710
_cell.angle_alpha   72.56
_cell.angle_beta   88.34
_cell.angle_gamma   89.48
#
_symmetry.space_group_name_H-M   'P 1'
#
loop_
_entity.id
_entity.type
_entity.pdbx_description
1 polymer Kappa-carrageenase
2 non-polymer GLYCEROL
3 non-polymer 'MAGNESIUM ION'
4 water water
#
_entity_poly.entity_id   1
_entity_poly.type   'polypeptide(L)'
_entity_poly.pdbx_seq_one_letter_code
;HHHHHHGSQQPTKTSNPNDQWTIKWSASDEFNKNDPDWAKWIKTGNLPNTSAWKWNNQKNVKISNGIAELTMRHNANNTP
DGGTYFTSGIFKSYQKFTYGYFEAKIQGADIGEGVCPSFWLYSDFDYSVANGETVYSEIDVVELQQFDWYEGHQDDIYDM
DLNLHAVVKENGQGVWKRPKMYPQEQLNKWRAPWDPSKDFHIYGCEVNQNEIIWYVDGVEVARKPNKYWHRPMNVTLSLG
LRKPFVKFFDNKNNAINPETDAKAREKLSDIPTSMYVDYVRVWEKS
;
_entity_poly.pdbx_strand_id   A,B,C,D
#
loop_
_chem_comp.id
_chem_comp.type
_chem_comp.name
_chem_comp.formula
GOL non-polymer GLYCEROL 'C3 H8 O3'
MG non-polymer 'MAGNESIUM ION' 'Mg 2'
#
# COMPACT_ATOMS: atom_id res chain seq x y z
N GLN A 9 -12.71 -32.83 -22.59
CA GLN A 9 -13.27 -32.07 -21.41
C GLN A 9 -12.93 -30.59 -21.56
N GLN A 10 -13.77 -29.72 -20.99
CA GLN A 10 -13.56 -28.24 -21.12
C GLN A 10 -13.56 -27.62 -19.75
N PRO A 11 -13.02 -26.39 -19.62
CA PRO A 11 -13.20 -25.59 -18.33
C PRO A 11 -14.69 -25.59 -17.83
N THR A 12 -14.89 -25.82 -16.53
CA THR A 12 -16.30 -25.81 -15.97
C THR A 12 -16.99 -24.51 -16.23
N LYS A 13 -16.27 -23.39 -16.07
CA LYS A 13 -16.93 -22.10 -16.24
C LYS A 13 -15.87 -21.07 -16.65
N THR A 14 -16.13 -20.24 -17.68
CA THR A 14 -15.11 -19.26 -18.08
C THR A 14 -15.74 -17.88 -18.25
N SER A 15 -14.90 -16.86 -18.38
CA SER A 15 -15.40 -15.49 -18.37
C SER A 15 -15.95 -15.10 -19.73
N ASN A 16 -15.43 -15.69 -20.79
CA ASN A 16 -15.85 -15.31 -22.17
C ASN A 16 -16.13 -16.57 -22.98
N PRO A 17 -17.42 -16.92 -23.17
CA PRO A 17 -17.77 -18.14 -23.95
C PRO A 17 -17.26 -18.06 -25.40
N ASN A 18 -16.76 -16.91 -25.84
CA ASN A 18 -16.21 -16.84 -27.19
CA ASN A 18 -16.17 -16.74 -27.17
C ASN A 18 -14.80 -17.43 -27.31
N ASP A 19 -14.10 -17.60 -26.15
CA ASP A 19 -12.79 -18.25 -26.16
C ASP A 19 -12.83 -19.75 -26.51
N GLN A 20 -11.74 -20.27 -27.12
CA GLN A 20 -11.61 -21.68 -27.45
C GLN A 20 -10.55 -22.23 -26.51
N TRP A 21 -10.76 -23.44 -26.00
CA TRP A 21 -9.78 -23.99 -25.02
C TRP A 21 -9.26 -25.33 -25.47
N THR A 22 -7.94 -25.53 -25.45
CA THR A 22 -7.29 -26.81 -25.83
C THR A 22 -6.59 -27.43 -24.64
N ILE A 23 -6.96 -28.66 -24.34
CA ILE A 23 -6.38 -29.31 -23.19
C ILE A 23 -4.88 -29.55 -23.41
N LYS A 24 -4.09 -29.40 -22.32
CA LYS A 24 -2.64 -29.56 -22.36
C LYS A 24 -2.31 -30.76 -21.48
N TRP A 25 -2.11 -31.93 -22.12
CA TRP A 25 -1.77 -33.14 -21.41
C TRP A 25 -0.50 -33.08 -20.58
N SER A 26 0.43 -32.13 -20.85
CA SER A 26 1.62 -32.04 -20.00
C SER A 26 1.39 -31.60 -18.58
N ALA A 27 0.17 -31.12 -18.24
CA ALA A 27 -0.08 -30.96 -16.81
C ALA A 27 -1.52 -31.35 -16.52
N SER A 28 -2.06 -32.27 -17.33
CA SER A 28 -3.40 -32.78 -17.04
C SER A 28 -3.32 -34.25 -16.73
N ASP A 29 -4.13 -34.71 -15.77
CA ASP A 29 -4.03 -36.12 -15.39
C ASP A 29 -5.37 -36.49 -14.76
N GLU A 30 -5.99 -37.56 -15.24
CA GLU A 30 -7.27 -38.10 -14.61
C GLU A 30 -6.95 -39.15 -13.55
N PHE A 31 -5.65 -39.43 -13.38
CA PHE A 31 -5.22 -40.37 -12.30
C PHE A 31 -5.88 -41.74 -12.39
N ASN A 32 -6.12 -42.14 -13.62
CA ASN A 32 -6.70 -43.48 -13.86
C ASN A 32 -5.63 -44.56 -13.77
N LYS A 33 -4.35 -44.18 -13.79
CA LYS A 33 -3.26 -45.15 -13.64
C LYS A 33 -2.75 -45.23 -12.21
N ASN A 34 -2.61 -46.43 -11.68
CA ASN A 34 -2.06 -46.47 -10.35
CA ASN A 34 -1.98 -46.67 -10.38
C ASN A 34 -0.56 -46.09 -10.28
N ASP A 35 0.21 -46.29 -11.34
CA ASP A 35 1.64 -45.91 -11.37
C ASP A 35 1.64 -44.38 -11.61
N PRO A 36 2.00 -43.57 -10.60
CA PRO A 36 2.16 -42.10 -10.85
C PRO A 36 3.04 -41.83 -12.01
N ASP A 37 2.69 -40.79 -12.80
CA ASP A 37 3.39 -40.50 -14.01
C ASP A 37 4.57 -39.57 -13.69
N TRP A 38 5.73 -40.16 -13.28
CA TRP A 38 6.88 -39.31 -12.92
C TRP A 38 7.64 -38.70 -14.08
N ALA A 39 7.25 -39.03 -15.31
CA ALA A 39 7.73 -38.23 -16.49
C ALA A 39 7.05 -36.84 -16.54
N LYS A 40 5.81 -36.81 -16.03
CA LYS A 40 4.98 -35.60 -16.12
C LYS A 40 5.13 -34.78 -14.84
N TRP A 41 5.22 -35.47 -13.70
CA TRP A 41 5.23 -34.85 -12.35
C TRP A 41 6.60 -35.06 -11.69
N ILE A 42 7.13 -33.99 -11.11
CA ILE A 42 8.54 -34.05 -10.52
C ILE A 42 8.53 -34.90 -9.26
N LYS A 43 9.15 -36.09 -9.32
CA LYS A 43 9.16 -36.95 -8.11
C LYS A 43 9.98 -36.40 -6.99
N THR A 44 11.20 -35.90 -7.31
CA THR A 44 12.11 -35.41 -6.29
C THR A 44 12.91 -34.25 -6.83
N GLY A 45 13.44 -33.45 -5.94
CA GLY A 45 14.51 -32.53 -6.26
C GLY A 45 13.97 -31.14 -6.41
N ASN A 46 13.46 -30.86 -7.58
CA ASN A 46 13.02 -29.56 -7.90
CA ASN A 46 13.03 -29.50 -7.87
C ASN A 46 11.65 -29.20 -7.25
N LEU A 47 11.53 -29.32 -5.93
CA LEU A 47 10.19 -29.12 -5.23
C LEU A 47 10.24 -27.87 -4.34
N PRO A 48 9.06 -27.30 -3.91
CA PRO A 48 9.14 -26.05 -3.13
C PRO A 48 9.98 -26.15 -1.90
N ASN A 49 10.73 -25.08 -1.67
CA ASN A 49 11.38 -24.83 -0.35
C ASN A 49 10.32 -24.85 0.73
N THR A 50 10.43 -25.72 1.70
CA THR A 50 9.48 -25.70 2.78
C THR A 50 10.38 -25.73 3.98
N SER A 51 10.11 -24.83 4.90
CA SER A 51 11.00 -24.75 6.06
C SER A 51 10.46 -25.63 7.17
N ALA A 52 9.17 -26.01 7.03
CA ALA A 52 8.48 -26.73 8.05
C ALA A 52 8.22 -28.18 7.85
N TRP A 53 8.49 -28.77 6.65
CA TRP A 53 8.34 -30.20 6.46
C TRP A 53 9.09 -30.57 5.23
N LYS A 54 9.21 -31.84 4.89
CA LYS A 54 9.84 -32.28 3.66
C LYS A 54 8.91 -33.11 2.76
N TRP A 55 9.31 -33.29 1.53
CA TRP A 55 8.49 -34.06 0.62
C TRP A 55 9.03 -35.43 0.54
N ASN A 56 8.17 -36.42 0.47
CA ASN A 56 8.55 -37.80 0.17
C ASN A 56 7.48 -38.43 -0.69
N ASN A 57 7.57 -38.17 -2.00
CA ASN A 57 6.59 -38.65 -2.93
C ASN A 57 6.55 -40.18 -3.06
N GLN A 58 7.68 -40.85 -2.81
CA GLN A 58 7.65 -42.33 -2.85
C GLN A 58 6.72 -42.89 -1.80
N LYS A 59 6.69 -42.25 -0.62
CA LYS A 59 5.92 -42.78 0.49
CA LYS A 59 5.96 -42.74 0.55
C LYS A 59 4.56 -42.11 0.65
N ASN A 60 4.44 -40.93 0.07
CA ASN A 60 3.26 -40.08 0.37
C ASN A 60 2.31 -39.75 -0.78
N VAL A 61 2.55 -40.36 -1.94
CA VAL A 61 1.67 -40.26 -3.12
C VAL A 61 1.22 -41.70 -3.49
N LYS A 62 -0.08 -41.94 -3.59
CA LYS A 62 -0.55 -43.26 -3.96
C LYS A 62 -1.74 -42.94 -4.86
N ILE A 63 -1.98 -43.73 -5.87
CA ILE A 63 -3.18 -43.45 -6.67
C ILE A 63 -3.96 -44.76 -6.73
N SER A 64 -5.25 -44.68 -6.51
CA SER A 64 -6.11 -45.88 -6.52
C SER A 64 -7.49 -45.59 -7.12
N ASN A 65 -8.00 -46.45 -7.99
CA ASN A 65 -9.32 -46.35 -8.52
CA ASN A 65 -9.35 -46.32 -8.50
C ASN A 65 -9.71 -44.90 -8.95
N GLY A 66 -8.80 -44.23 -9.65
CA GLY A 66 -9.10 -42.99 -10.31
C GLY A 66 -8.78 -41.81 -9.43
N ILE A 67 -8.25 -42.05 -8.21
CA ILE A 67 -8.09 -40.91 -7.23
C ILE A 67 -6.67 -40.88 -6.66
N ALA A 68 -6.01 -39.73 -6.78
CA ALA A 68 -4.69 -39.59 -6.17
C ALA A 68 -4.85 -39.21 -4.76
N GLU A 69 -3.96 -39.75 -3.92
CA GLU A 69 -4.00 -39.48 -2.46
C GLU A 69 -2.66 -38.87 -2.03
N LEU A 70 -2.62 -37.68 -1.42
CA LEU A 70 -1.39 -37.08 -1.00
CA LEU A 70 -1.39 -37.05 -0.98
C LEU A 70 -1.47 -37.03 0.54
N THR A 71 -0.43 -37.51 1.22
CA THR A 71 -0.54 -37.78 2.66
C THR A 71 0.53 -37.05 3.46
N MET A 72 0.13 -36.47 4.58
CA MET A 72 1.07 -35.91 5.59
C MET A 72 1.38 -36.99 6.61
N ARG A 73 2.67 -37.32 6.81
CA ARG A 73 3.05 -38.42 7.74
C ARG A 73 4.00 -37.88 8.79
N HIS A 74 3.95 -38.46 9.97
CA HIS A 74 4.85 -38.03 11.05
C HIS A 74 6.11 -38.85 10.94
N ASN A 75 7.27 -38.20 11.02
CA ASN A 75 8.54 -38.96 10.98
C ASN A 75 8.60 -40.06 12.08
N ALA A 76 8.96 -41.27 11.67
CA ALA A 76 9.22 -42.39 12.59
C ALA A 76 10.01 -41.89 13.80
N ASN A 77 9.52 -42.21 15.00
CA ASN A 77 10.25 -41.91 16.29
C ASN A 77 10.28 -40.39 16.64
N ASN A 78 9.57 -39.58 15.85
CA ASN A 78 9.58 -38.14 16.05
C ASN A 78 11.00 -37.56 15.83
N THR A 79 11.75 -38.23 14.98
CA THR A 79 13.14 -37.86 14.73
C THR A 79 13.19 -36.78 13.65
N PRO A 80 13.73 -35.59 14.01
CA PRO A 80 13.85 -34.51 13.02
C PRO A 80 14.74 -34.88 11.83
N ASP A 81 14.41 -34.31 10.65
CA ASP A 81 15.26 -34.40 9.51
C ASP A 81 15.49 -32.99 9.07
N GLY A 82 16.66 -32.40 9.31
CA GLY A 82 16.83 -31.02 8.84
C GLY A 82 15.82 -30.06 9.45
N GLY A 83 15.59 -30.24 10.74
CA GLY A 83 14.73 -29.30 11.52
C GLY A 83 13.21 -29.60 11.42
N THR A 84 12.82 -30.69 10.72
CA THR A 84 11.39 -30.91 10.48
C THR A 84 10.96 -32.32 10.90
N TYR A 85 9.67 -32.43 11.21
CA TYR A 85 9.12 -33.65 11.91
C TYR A 85 8.07 -34.43 11.10
N PHE A 86 7.68 -33.86 9.96
CA PHE A 86 6.69 -34.48 9.02
C PHE A 86 7.20 -34.54 7.57
N THR A 87 6.60 -35.44 6.77
CA THR A 87 6.78 -35.42 5.32
C THR A 87 5.42 -35.35 4.65
N SER A 88 5.45 -34.83 3.46
CA SER A 88 4.22 -34.74 2.69
C SER A 88 4.34 -35.16 1.26
N GLY A 89 3.27 -34.92 0.49
CA GLY A 89 3.29 -35.35 -0.92
C GLY A 89 2.88 -34.22 -1.85
N ILE A 90 3.32 -34.23 -3.12
CA ILE A 90 3.14 -33.08 -4.00
C ILE A 90 3.17 -33.54 -5.44
N PHE A 91 2.20 -33.08 -6.25
CA PHE A 91 2.31 -33.16 -7.68
C PHE A 91 2.71 -31.82 -8.22
N LYS A 92 3.91 -31.74 -8.79
CA LYS A 92 4.44 -30.47 -9.43
C LYS A 92 4.74 -30.75 -10.87
N SER A 93 4.06 -30.07 -11.79
CA SER A 93 4.34 -30.37 -13.21
C SER A 93 5.79 -29.99 -13.61
N TYR A 94 6.41 -30.81 -14.45
CA TYR A 94 7.63 -30.28 -15.06
CA TYR A 94 7.62 -30.35 -15.13
C TYR A 94 7.33 -29.10 -15.98
N GLN A 95 6.24 -29.18 -16.71
CA GLN A 95 5.88 -28.15 -17.71
C GLN A 95 5.43 -26.83 -17.00
N LYS A 96 5.86 -25.69 -17.52
CA LYS A 96 5.41 -24.35 -16.97
C LYS A 96 4.40 -23.75 -17.90
N PHE A 97 3.54 -22.89 -17.34
CA PHE A 97 2.54 -22.21 -18.15
C PHE A 97 2.42 -20.79 -17.60
N THR A 98 1.85 -19.90 -18.36
CA THR A 98 1.64 -18.53 -17.78
C THR A 98 0.13 -18.30 -17.81
N TYR A 99 -0.41 -18.21 -19.00
CA TYR A 99 -1.82 -17.89 -19.08
C TYR A 99 -2.58 -19.17 -19.45
N GLY A 100 -3.85 -19.29 -19.11
CA GLY A 100 -4.59 -20.50 -19.42
C GLY A 100 -5.70 -20.68 -18.41
N TYR A 101 -6.25 -21.89 -18.37
CA TYR A 101 -7.20 -22.25 -17.37
C TYR A 101 -6.74 -23.47 -16.61
N PHE A 102 -6.86 -23.45 -15.26
CA PHE A 102 -6.32 -24.52 -14.41
C PHE A 102 -7.42 -25.05 -13.48
N GLU A 103 -7.67 -26.35 -13.45
CA GLU A 103 -8.78 -26.85 -12.65
C GLU A 103 -8.41 -28.15 -11.99
N ALA A 104 -8.83 -28.35 -10.74
CA ALA A 104 -8.65 -29.62 -10.06
C ALA A 104 -9.85 -29.94 -9.26
N LYS A 105 -10.14 -31.22 -9.20
CA LYS A 105 -11.26 -31.70 -8.35
C LYS A 105 -10.67 -32.37 -7.10
N ILE A 106 -10.94 -31.75 -5.96
CA ILE A 106 -10.19 -32.05 -4.72
C ILE A 106 -11.10 -32.27 -3.54
N GLN A 107 -10.75 -33.27 -2.72
CA GLN A 107 -11.39 -33.32 -1.41
C GLN A 107 -10.33 -33.11 -0.34
N GLY A 108 -10.71 -32.40 0.70
CA GLY A 108 -9.76 -32.04 1.78
C GLY A 108 -9.50 -33.19 2.73
N ALA A 109 -8.88 -32.84 3.83
CA ALA A 109 -8.32 -33.84 4.77
C ALA A 109 -9.15 -33.98 6.05
N ASP A 110 -9.28 -35.22 6.49
CA ASP A 110 -10.08 -35.48 7.69
C ASP A 110 -9.57 -34.96 9.05
N ILE A 111 -8.30 -34.56 9.11
CA ILE A 111 -7.83 -33.93 10.31
C ILE A 111 -8.59 -32.62 10.71
N GLY A 112 -9.25 -31.96 9.76
CA GLY A 112 -9.75 -30.59 9.98
C GLY A 112 -8.57 -29.63 10.03
N GLU A 113 -8.27 -29.03 11.16
CA GLU A 113 -7.18 -28.06 11.26
C GLU A 113 -5.81 -28.81 11.36
N GLY A 114 -4.79 -28.29 10.71
CA GLY A 114 -3.40 -28.76 10.84
C GLY A 114 -2.67 -29.01 9.52
N VAL A 115 -3.43 -29.07 8.41
CA VAL A 115 -2.82 -29.26 7.07
C VAL A 115 -3.57 -28.33 6.13
N CYS A 116 -3.03 -28.14 4.94
CA CYS A 116 -3.61 -27.25 3.99
C CYS A 116 -3.59 -27.90 2.61
N PRO A 117 -4.67 -28.55 2.20
CA PRO A 117 -4.74 -29.02 0.83
C PRO A 117 -4.79 -27.84 -0.15
N SER A 118 -3.90 -27.86 -1.15
CA SER A 118 -3.71 -26.65 -1.98
CA SER A 118 -3.74 -26.67 -1.98
C SER A 118 -3.56 -27.03 -3.44
N PHE A 119 -4.09 -26.13 -4.30
CA PHE A 119 -3.82 -26.25 -5.75
C PHE A 119 -3.27 -24.87 -6.12
N TRP A 120 -2.10 -24.81 -6.78
CA TRP A 120 -1.45 -23.51 -6.90
C TRP A 120 -0.42 -23.54 -8.00
N LEU A 121 -0.07 -22.36 -8.48
CA LEU A 121 0.86 -22.23 -9.66
C LEU A 121 2.00 -21.38 -9.12
N TYR A 122 3.29 -21.72 -9.39
CA TYR A 122 4.34 -20.86 -8.88
C TYR A 122 5.55 -20.94 -9.80
N SER A 123 6.29 -19.81 -9.83
CA SER A 123 7.53 -19.75 -10.66
C SER A 123 8.79 -19.96 -9.90
N ASP A 124 9.91 -19.97 -10.66
CA ASP A 124 11.16 -19.85 -9.91
C ASP A 124 11.39 -18.40 -9.48
N PHE A 125 12.53 -18.17 -8.82
CA PHE A 125 12.89 -16.79 -8.39
C PHE A 125 13.90 -16.30 -9.38
N ASP A 126 13.61 -15.17 -10.01
CA ASP A 126 14.63 -14.54 -10.91
C ASP A 126 14.98 -13.17 -10.30
N TYR A 127 16.08 -13.18 -9.51
CA TYR A 127 16.54 -11.97 -8.84
C TYR A 127 17.34 -11.08 -9.72
N SER A 128 17.47 -11.45 -11.01
CA SER A 128 18.21 -10.66 -12.02
C SER A 128 17.43 -9.57 -12.76
N VAL A 129 16.12 -9.55 -12.54
CA VAL A 129 15.25 -8.73 -13.32
C VAL A 129 15.44 -7.27 -12.85
N ALA A 130 14.95 -6.38 -13.67
CA ALA A 130 15.15 -4.96 -13.49
C ALA A 130 14.22 -4.40 -12.42
N ASN A 131 14.52 -3.16 -11.96
CA ASN A 131 13.71 -2.51 -10.94
C ASN A 131 12.22 -2.52 -11.32
N GLY A 132 11.39 -2.98 -10.40
CA GLY A 132 9.94 -2.94 -10.58
C GLY A 132 9.45 -4.23 -11.24
N GLU A 133 10.36 -5.07 -11.73
CA GLU A 133 9.93 -6.26 -12.42
C GLU A 133 9.67 -7.38 -11.44
N THR A 134 8.98 -8.43 -11.90
CA THR A 134 8.60 -9.56 -11.00
C THR A 134 9.71 -10.55 -10.90
N VAL A 135 10.12 -10.85 -9.67
CA VAL A 135 11.13 -11.88 -9.34
C VAL A 135 10.42 -13.24 -9.24
N TYR A 136 9.22 -13.24 -8.65
CA TYR A 136 8.58 -14.52 -8.31
C TYR A 136 7.07 -14.29 -8.43
N SER A 137 6.37 -15.24 -9.03
CA SER A 137 4.89 -15.15 -9.24
CA SER A 137 4.91 -15.11 -9.18
C SER A 137 4.23 -16.39 -8.63
N GLU A 138 3.17 -16.23 -7.82
CA GLU A 138 2.49 -17.39 -7.27
C GLU A 138 0.98 -17.06 -7.34
N ILE A 139 0.20 -17.95 -7.91
CA ILE A 139 -1.27 -17.88 -7.88
C ILE A 139 -1.79 -19.11 -7.09
N ASP A 140 -2.49 -18.84 -6.00
CA ASP A 140 -3.11 -19.95 -5.24
C ASP A 140 -4.51 -20.13 -5.80
N VAL A 141 -4.76 -21.25 -6.47
CA VAL A 141 -6.09 -21.46 -6.94
C VAL A 141 -7.05 -21.76 -5.78
N VAL A 142 -6.57 -22.54 -4.79
CA VAL A 142 -7.26 -22.62 -3.52
C VAL A 142 -6.33 -23.15 -2.45
N GLU A 143 -6.54 -22.61 -1.25
CA GLU A 143 -5.91 -23.13 -0.02
C GLU A 143 -7.08 -23.50 0.85
N LEU A 144 -7.24 -24.77 1.16
CA LEU A 144 -8.33 -25.22 2.02
C LEU A 144 -7.89 -25.39 3.48
N GLN A 145 -8.84 -25.31 4.44
CA GLN A 145 -8.64 -25.67 5.84
C GLN A 145 -7.47 -25.04 6.52
N GLN A 146 -7.09 -23.80 6.16
CA GLN A 146 -5.97 -23.11 6.78
C GLN A 146 -6.28 -22.57 8.11
N PHE A 147 -7.56 -22.32 8.34
CA PHE A 147 -8.02 -21.60 9.53
C PHE A 147 -7.16 -20.31 9.71
N ASP A 148 -7.16 -19.47 8.68
CA ASP A 148 -6.40 -18.26 8.68
C ASP A 148 -7.05 -17.30 9.70
N TRP A 149 -6.23 -16.40 10.28
CA TRP A 149 -6.74 -15.34 11.16
C TRP A 149 -6.43 -14.07 10.41
N TYR A 150 -7.39 -13.17 10.21
CA TYR A 150 -7.12 -11.93 9.42
C TYR A 150 -7.91 -10.79 10.01
N GLU A 151 -7.25 -9.73 10.44
CA GLU A 151 -7.98 -8.58 10.95
C GLU A 151 -9.05 -8.94 11.94
N GLY A 152 -8.67 -9.72 12.95
CA GLY A 152 -9.59 -10.03 14.00
C GLY A 152 -10.64 -11.09 13.66
N HIS A 153 -10.67 -11.60 12.40
CA HIS A 153 -11.58 -12.72 12.02
C HIS A 153 -10.81 -14.02 12.01
N GLN A 154 -11.30 -15.00 12.80
CA GLN A 154 -10.74 -16.31 12.80
C GLN A 154 -11.53 -17.22 11.81
N ASP A 155 -10.85 -17.78 10.80
CA ASP A 155 -11.57 -18.66 9.89
C ASP A 155 -11.79 -20.04 10.53
N ASP A 156 -12.76 -20.77 9.95
CA ASP A 156 -13.02 -22.18 10.36
C ASP A 156 -12.98 -23.01 9.08
N ILE A 157 -13.40 -24.26 9.21
CA ILE A 157 -13.24 -25.24 8.14
C ILE A 157 -14.00 -24.83 6.82
N TYR A 158 -15.04 -24.01 6.92
CA TYR A 158 -15.81 -23.64 5.72
C TYR A 158 -15.15 -22.52 4.89
N ASP A 159 -14.19 -21.84 5.51
CA ASP A 159 -13.52 -20.71 4.83
C ASP A 159 -12.34 -21.23 3.98
N MET A 160 -12.19 -20.62 2.80
CA MET A 160 -10.98 -20.89 2.01
C MET A 160 -10.32 -19.65 1.49
N ASP A 161 -9.06 -19.80 1.12
CA ASP A 161 -8.28 -18.65 0.66
C ASP A 161 -7.83 -18.92 -0.76
N LEU A 162 -7.79 -17.85 -1.55
CA LEU A 162 -7.56 -17.95 -2.97
C LEU A 162 -6.59 -16.80 -3.31
N ASN A 163 -5.36 -16.80 -2.77
CA ASN A 163 -4.55 -15.58 -2.74
C ASN A 163 -3.46 -15.49 -3.81
N LEU A 164 -3.03 -14.27 -4.10
CA LEU A 164 -1.86 -14.09 -4.97
C LEU A 164 -0.65 -13.67 -4.15
N HIS A 165 0.54 -14.08 -4.61
CA HIS A 165 1.79 -13.72 -3.87
C HIS A 165 2.78 -13.37 -4.95
N ALA A 166 3.61 -12.37 -4.67
CA ALA A 166 4.76 -12.11 -5.57
C ALA A 166 5.96 -11.56 -4.83
N VAL A 167 7.13 -11.57 -5.51
CA VAL A 167 8.25 -10.76 -5.03
C VAL A 167 8.56 -9.86 -6.21
N VAL A 168 8.78 -8.57 -5.91
CA VAL A 168 9.02 -7.55 -6.96
C VAL A 168 10.36 -6.92 -6.65
N LYS A 169 11.20 -6.67 -7.69
CA LYS A 169 12.48 -6.04 -7.41
CA LYS A 169 12.50 -6.03 -7.51
C LYS A 169 12.28 -4.56 -7.06
N GLU A 170 12.82 -4.15 -5.88
CA GLU A 170 12.74 -2.73 -5.43
C GLU A 170 14.03 -2.33 -4.76
N ASN A 171 14.66 -1.29 -5.33
CA ASN A 171 15.94 -0.71 -4.78
C ASN A 171 16.92 -1.82 -4.52
N GLY A 172 16.97 -2.77 -5.44
CA GLY A 172 18.05 -3.72 -5.41
C GLY A 172 17.70 -5.05 -4.75
N GLN A 173 16.57 -5.05 -4.04
CA GLN A 173 16.11 -6.12 -3.12
C GLN A 173 14.90 -6.81 -3.75
N GLY A 174 14.70 -8.08 -3.46
CA GLY A 174 13.37 -8.65 -3.88
C GLY A 174 12.44 -8.40 -2.70
N VAL A 175 11.38 -7.62 -2.90
CA VAL A 175 10.44 -7.31 -1.86
C VAL A 175 9.16 -8.16 -2.02
N TRP A 176 8.82 -8.90 -0.97
CA TRP A 176 7.58 -9.68 -0.95
C TRP A 176 6.34 -8.79 -0.98
N LYS A 177 5.40 -9.14 -1.86
CA LYS A 177 4.08 -8.49 -1.88
C LYS A 177 3.09 -9.60 -1.45
N ARG A 178 2.63 -9.50 -0.19
CA ARG A 178 1.87 -10.53 0.49
CA ARG A 178 1.85 -10.56 0.43
C ARG A 178 0.40 -10.14 0.45
N PRO A 179 -0.50 -11.13 0.45
CA PRO A 179 -1.93 -10.80 0.39
C PRO A 179 -2.41 -9.89 1.51
N LYS A 180 -1.91 -10.07 2.76
CA LYS A 180 -2.39 -9.30 3.88
CA LYS A 180 -2.41 -9.27 3.87
C LYS A 180 -1.87 -7.87 3.81
N MET A 181 -0.81 -7.67 3.01
CA MET A 181 -0.22 -6.30 2.82
CA MET A 181 -0.26 -6.30 2.87
C MET A 181 -0.95 -5.55 1.74
N TYR A 182 -1.45 -6.30 0.77
CA TYR A 182 -2.08 -5.71 -0.45
C TYR A 182 -3.44 -6.40 -0.72
N PRO A 183 -4.37 -6.26 0.24
CA PRO A 183 -5.44 -7.18 0.20
C PRO A 183 -6.40 -6.94 -0.96
N GLN A 184 -6.58 -5.65 -1.32
CA GLN A 184 -7.45 -5.35 -2.49
C GLN A 184 -6.92 -5.94 -3.78
N GLU A 185 -5.57 -6.00 -3.93
CA GLU A 185 -4.94 -6.54 -5.10
CA GLU A 185 -4.92 -6.58 -5.13
C GLU A 185 -4.73 -8.07 -5.08
N GLN A 186 -4.60 -8.62 -3.86
CA GLN A 186 -4.05 -9.96 -3.73
C GLN A 186 -4.76 -10.94 -2.82
N LEU A 187 -5.66 -10.50 -1.98
CA LEU A 187 -6.29 -11.42 -0.98
C LEU A 187 -7.69 -11.77 -1.46
N ASN A 188 -8.00 -13.07 -1.51
CA ASN A 188 -9.37 -13.49 -1.69
C ASN A 188 -9.76 -14.50 -0.63
N LYS A 189 -10.95 -14.35 -0.05
CA LYS A 189 -11.49 -15.32 0.91
C LYS A 189 -12.89 -15.68 0.37
N TRP A 190 -13.26 -16.95 0.51
CA TRP A 190 -14.64 -17.34 0.19
C TRP A 190 -15.10 -18.35 1.18
N ARG A 191 -16.35 -18.22 1.67
CA ARG A 191 -16.97 -19.18 2.54
C ARG A 191 -17.93 -20.13 1.84
N ALA A 192 -17.67 -21.46 1.97
CA ALA A 192 -18.45 -22.47 1.23
C ALA A 192 -19.71 -22.81 2.05
N PRO A 193 -20.75 -23.28 1.37
CA PRO A 193 -21.94 -23.76 2.14
C PRO A 193 -21.77 -25.24 2.55
N TRP A 194 -20.62 -25.87 2.27
CA TRP A 194 -20.34 -27.29 2.58
C TRP A 194 -18.94 -27.38 3.13
N ASP A 195 -18.63 -28.48 3.82
CA ASP A 195 -17.34 -28.66 4.45
C ASP A 195 -16.40 -29.20 3.35
N PRO A 196 -15.35 -28.43 2.92
CA PRO A 196 -14.42 -28.85 1.85
C PRO A 196 -13.64 -30.10 2.18
N SER A 197 -13.54 -30.48 3.44
CA SER A 197 -12.81 -31.66 3.84
C SER A 197 -13.64 -32.92 3.62
N LYS A 198 -14.95 -32.82 3.30
CA LYS A 198 -15.79 -34.02 3.31
C LYS A 198 -16.15 -34.59 1.95
N ASP A 199 -16.02 -33.80 0.88
CA ASP A 199 -16.46 -34.24 -0.44
C ASP A 199 -15.56 -33.60 -1.46
N PHE A 200 -15.66 -34.02 -2.70
CA PHE A 200 -14.83 -33.42 -3.80
C PHE A 200 -15.53 -32.21 -4.31
N HIS A 201 -14.76 -31.16 -4.63
CA HIS A 201 -15.30 -30.01 -5.35
C HIS A 201 -14.34 -29.54 -6.36
N ILE A 202 -14.77 -28.62 -7.22
N ILE A 202 -14.77 -28.62 -7.23
CA ILE A 202 -13.96 -28.23 -8.37
CA ILE A 202 -13.98 -28.22 -8.40
C ILE A 202 -13.43 -26.85 -8.21
C ILE A 202 -13.44 -26.86 -8.17
N TYR A 203 -12.11 -26.75 -8.26
CA TYR A 203 -11.44 -25.48 -7.99
C TYR A 203 -10.78 -25.06 -9.27
N GLY A 204 -11.13 -23.86 -9.77
CA GLY A 204 -10.64 -23.43 -11.14
C GLY A 204 -10.06 -22.07 -11.09
N CYS A 205 -9.21 -21.77 -12.05
CA CYS A 205 -8.65 -20.42 -12.16
C CYS A 205 -8.38 -20.12 -13.62
N GLU A 206 -8.86 -18.95 -14.06
CA GLU A 206 -8.57 -18.48 -15.39
C GLU A 206 -7.58 -17.33 -15.32
N VAL A 207 -6.46 -17.43 -16.04
CA VAL A 207 -5.35 -16.49 -15.89
C VAL A 207 -5.09 -15.91 -17.30
N ASN A 208 -5.22 -14.61 -17.45
CA ASN A 208 -4.85 -13.98 -18.73
C ASN A 208 -3.97 -12.73 -18.45
N GLN A 209 -3.53 -12.00 -19.50
CA GLN A 209 -2.62 -10.87 -19.25
C GLN A 209 -3.27 -9.78 -18.46
N ASN A 210 -4.60 -9.73 -18.47
CA ASN A 210 -5.31 -8.68 -17.80
C ASN A 210 -5.89 -8.95 -16.39
N GLU A 211 -6.37 -10.17 -16.18
CA GLU A 211 -7.10 -10.51 -14.97
C GLU A 211 -6.89 -11.94 -14.62
N ILE A 212 -7.22 -12.23 -13.37
CA ILE A 212 -7.15 -13.61 -12.87
C ILE A 212 -8.56 -13.83 -12.23
N ILE A 213 -9.21 -14.94 -12.58
CA ILE A 213 -10.58 -15.15 -12.09
C ILE A 213 -10.61 -16.55 -11.48
N TRP A 214 -11.22 -16.66 -10.31
CA TRP A 214 -11.30 -17.97 -9.62
C TRP A 214 -12.70 -18.50 -9.54
N TYR A 215 -12.81 -19.81 -9.64
CA TYR A 215 -14.13 -20.47 -9.65
C TYR A 215 -14.20 -21.61 -8.66
N VAL A 216 -15.32 -21.77 -7.98
CA VAL A 216 -15.51 -22.96 -7.11
C VAL A 216 -16.79 -23.61 -7.60
N ASP A 217 -16.75 -24.92 -7.91
CA ASP A 217 -17.93 -25.59 -8.43
C ASP A 217 -18.67 -24.80 -9.52
N GLY A 218 -17.89 -24.17 -10.36
CA GLY A 218 -18.35 -23.51 -11.59
C GLY A 218 -18.98 -22.15 -11.28
N VAL A 219 -18.70 -21.61 -10.11
CA VAL A 219 -19.23 -20.27 -9.74
C VAL A 219 -18.05 -19.34 -9.64
N GLU A 220 -18.05 -18.21 -10.32
CA GLU A 220 -16.97 -17.21 -10.05
C GLU A 220 -17.00 -16.70 -8.60
N VAL A 221 -15.91 -16.81 -7.89
CA VAL A 221 -15.87 -16.34 -6.50
C VAL A 221 -14.89 -15.18 -6.30
N ALA A 222 -14.02 -14.88 -7.27
CA ALA A 222 -13.10 -13.78 -7.07
C ALA A 222 -12.49 -13.40 -8.37
N ARG A 223 -12.00 -12.16 -8.44
CA ARG A 223 -11.29 -11.74 -9.65
C ARG A 223 -10.37 -10.62 -9.27
N LYS A 224 -9.16 -10.61 -9.86
CA LYS A 224 -8.19 -9.55 -9.57
C LYS A 224 -7.46 -9.15 -10.82
N PRO A 225 -7.04 -7.87 -10.88
CA PRO A 225 -6.20 -7.53 -12.07
C PRO A 225 -4.89 -8.26 -12.05
N ASN A 226 -4.34 -8.57 -13.23
CA ASN A 226 -3.03 -9.35 -13.27
C ASN A 226 -1.86 -8.39 -13.27
N LYS A 227 -1.45 -7.98 -12.08
CA LYS A 227 -0.40 -6.97 -12.01
C LYS A 227 0.95 -7.59 -12.23
N TYR A 228 1.23 -8.68 -11.52
CA TYR A 228 2.61 -9.20 -11.47
C TYR A 228 2.77 -10.57 -12.04
N TRP A 229 1.66 -11.28 -12.31
CA TRP A 229 1.62 -12.74 -12.51
C TRP A 229 1.74 -13.12 -13.97
N HIS A 230 2.91 -12.76 -14.50
CA HIS A 230 3.20 -12.94 -15.90
C HIS A 230 4.40 -13.79 -16.09
N ARG A 231 4.85 -14.52 -15.07
CA ARG A 231 6.06 -15.37 -15.25
CA ARG A 231 6.06 -15.37 -15.26
C ARG A 231 5.59 -16.83 -15.50
N PRO A 232 6.42 -17.68 -16.11
CA PRO A 232 6.02 -19.10 -16.28
C PRO A 232 5.98 -19.80 -14.90
N MET A 233 4.90 -20.56 -14.68
CA MET A 233 4.65 -21.19 -13.37
C MET A 233 4.37 -22.67 -13.56
N ASN A 234 4.78 -23.45 -12.56
CA ASN A 234 4.51 -24.89 -12.50
C ASN A 234 3.20 -25.17 -11.80
N VAL A 235 2.52 -26.18 -12.34
CA VAL A 235 1.11 -26.50 -11.86
C VAL A 235 1.25 -27.46 -10.67
N THR A 236 0.67 -27.10 -9.50
CA THR A 236 1.07 -27.78 -8.22
C THR A 236 -0.12 -28.22 -7.43
N LEU A 237 -0.15 -29.48 -6.98
CA LEU A 237 -1.13 -29.91 -5.94
C LEU A 237 -0.30 -30.41 -4.76
N SER A 238 -0.55 -29.87 -3.58
CA SER A 238 0.27 -30.35 -2.46
C SER A 238 -0.53 -30.24 -1.15
N LEU A 239 -0.04 -30.96 -0.13
CA LEU A 239 -0.67 -30.95 1.20
C LEU A 239 0.34 -30.26 2.17
N GLY A 240 0.00 -29.04 2.59
CA GLY A 240 0.88 -28.25 3.43
C GLY A 240 0.64 -28.50 4.89
N LEU A 241 1.66 -28.25 5.74
CA LEU A 241 1.49 -28.31 7.18
C LEU A 241 1.17 -26.96 7.75
N ARG A 242 0.26 -26.93 8.74
CA ARG A 242 -0.15 -25.70 9.39
C ARG A 242 -0.22 -25.86 10.90
N LYS A 243 -0.55 -24.75 11.54
CA LYS A 243 -0.67 -24.75 12.99
C LYS A 243 -1.76 -25.81 13.35
N PRO A 244 -1.59 -26.58 14.46
CA PRO A 244 -0.67 -26.39 15.55
C PRO A 244 0.76 -26.96 15.28
N PHE A 245 1.04 -27.45 14.07
CA PHE A 245 2.35 -28.06 13.80
C PHE A 245 3.38 -27.07 13.27
N VAL A 246 2.97 -25.83 13.02
CA VAL A 246 3.92 -24.81 12.64
C VAL A 246 3.50 -23.54 13.36
N LYS A 247 4.43 -22.60 13.39
CA LYS A 247 4.18 -21.31 14.06
C LYS A 247 4.89 -20.25 13.26
N PHE A 248 4.12 -19.23 12.92
CA PHE A 248 4.62 -18.16 12.13
C PHE A 248 5.47 -17.17 12.93
N PHE A 249 6.74 -17.10 12.51
CA PHE A 249 7.55 -15.90 12.63
C PHE A 249 8.50 -15.72 11.42
N ASP A 250 8.86 -14.46 11.13
CA ASP A 250 9.82 -14.07 10.09
C ASP A 250 9.38 -14.47 8.70
N ASN A 251 8.11 -14.17 8.42
CA ASN A 251 7.43 -14.51 7.15
C ASN A 251 7.60 -15.95 6.63
N LYS A 252 7.62 -16.89 7.60
CA LYS A 252 7.73 -18.33 7.31
CA LYS A 252 7.84 -18.34 7.35
C LYS A 252 7.21 -19.23 8.44
N ASN A 253 6.60 -20.34 8.01
CA ASN A 253 6.25 -21.44 8.88
C ASN A 253 7.55 -21.95 9.59
N ASN A 254 7.54 -22.00 10.92
CA ASN A 254 8.62 -22.69 11.66
C ASN A 254 8.06 -23.99 12.20
N ALA A 255 8.75 -25.10 11.97
CA ALA A 255 8.28 -26.36 12.58
C ALA A 255 8.13 -26.33 14.13
N ILE A 256 7.07 -26.96 14.66
CA ILE A 256 6.90 -27.19 16.15
C ILE A 256 7.14 -28.68 16.39
N ASN A 257 7.95 -29.02 17.39
CA ASN A 257 8.06 -30.40 17.78
C ASN A 257 6.75 -30.87 18.40
N PRO A 258 6.06 -31.83 17.72
CA PRO A 258 4.80 -32.22 18.24
C PRO A 258 4.84 -32.87 19.58
N GLU A 259 6.02 -33.28 20.13
CA GLU A 259 6.14 -33.70 21.57
C GLU A 259 6.43 -32.58 22.61
N THR A 260 6.52 -31.35 22.15
CA THR A 260 6.70 -30.20 23.03
C THR A 260 5.49 -29.30 23.14
N ASP A 261 4.40 -29.64 22.46
CA ASP A 261 3.22 -28.74 22.43
C ASP A 261 1.95 -29.55 22.58
N ALA A 262 1.04 -29.20 23.53
CA ALA A 262 -0.12 -30.08 23.80
C ALA A 262 -1.01 -30.17 22.59
N LYS A 263 -1.24 -29.04 21.91
CA LYS A 263 -2.20 -29.07 20.77
C LYS A 263 -1.67 -29.92 19.62
N ALA A 264 -0.39 -29.75 19.33
CA ALA A 264 0.26 -30.60 18.33
C ALA A 264 0.27 -32.07 18.71
N ARG A 265 0.65 -32.42 19.97
CA ARG A 265 0.58 -33.80 20.43
C ARG A 265 -0.81 -34.40 20.32
N GLU A 266 -1.83 -33.68 20.74
CA GLU A 266 -3.14 -34.33 20.64
C GLU A 266 -3.60 -34.50 19.20
N LYS A 267 -3.27 -33.60 18.29
CA LYS A 267 -3.55 -33.88 16.84
C LYS A 267 -2.75 -35.04 16.20
N LEU A 268 -1.63 -35.49 16.81
CA LEU A 268 -0.92 -36.67 16.25
C LEU A 268 -1.74 -37.91 16.08
N SER A 269 -2.79 -38.07 16.89
CA SER A 269 -3.64 -39.22 16.74
CA SER A 269 -3.64 -39.23 16.72
C SER A 269 -4.35 -39.18 15.39
N ASP A 270 -4.45 -37.98 14.80
CA ASP A 270 -5.11 -37.75 13.48
C ASP A 270 -4.17 -37.73 12.27
N ILE A 271 -2.92 -38.08 12.51
CA ILE A 271 -1.89 -38.22 11.48
C ILE A 271 -1.60 -39.72 11.36
N PRO A 272 -1.49 -40.30 10.13
CA PRO A 272 -1.43 -39.59 8.83
C PRO A 272 -2.81 -39.05 8.42
N THR A 273 -2.80 -38.03 7.57
CA THR A 273 -4.08 -37.56 7.04
C THR A 273 -3.83 -37.26 5.57
N SER A 274 -4.90 -37.29 4.74
CA SER A 274 -4.69 -37.24 3.30
C SER A 274 -5.66 -36.28 2.66
N MET A 275 -5.18 -35.58 1.60
CA MET A 275 -6.08 -34.97 0.58
C MET A 275 -6.23 -35.91 -0.61
N TYR A 276 -7.27 -35.70 -1.40
CA TYR A 276 -7.54 -36.58 -2.55
C TYR A 276 -7.82 -35.73 -3.78
N VAL A 277 -7.31 -36.16 -4.93
CA VAL A 277 -7.52 -35.41 -6.14
C VAL A 277 -8.06 -36.38 -7.22
N ASP A 278 -9.23 -36.06 -7.79
CA ASP A 278 -9.79 -36.87 -8.85
C ASP A 278 -9.18 -36.50 -10.17
N TYR A 279 -8.92 -35.24 -10.44
CA TYR A 279 -8.21 -34.89 -11.71
C TYR A 279 -7.58 -33.52 -11.55
N VAL A 280 -6.64 -33.27 -12.46
CA VAL A 280 -6.13 -31.92 -12.70
C VAL A 280 -6.16 -31.73 -14.17
N ARG A 281 -6.62 -30.57 -14.59
CA ARG A 281 -6.73 -30.29 -16.04
C ARG A 281 -6.25 -28.86 -16.31
N VAL A 282 -5.47 -28.71 -17.39
CA VAL A 282 -4.95 -27.40 -17.77
C VAL A 282 -5.35 -27.20 -19.25
N TRP A 283 -5.78 -26.00 -19.59
CA TRP A 283 -6.07 -25.65 -20.98
C TRP A 283 -5.36 -24.38 -21.33
N GLU A 284 -5.09 -24.23 -22.61
CA GLU A 284 -4.60 -22.94 -23.12
CA GLU A 284 -4.54 -23.01 -23.24
C GLU A 284 -5.62 -22.40 -24.13
N LYS A 285 -5.70 -21.08 -24.18
CA LYS A 285 -6.72 -20.36 -24.99
C LYS A 285 -6.16 -20.19 -26.36
N SER A 286 -6.99 -20.35 -27.40
CA SER A 286 -6.46 -20.79 -28.74
C SER A 286 -6.69 -19.79 -29.84
N GLN B 9 -19.13 2.13 -52.67
CA GLN B 9 -19.63 2.89 -51.47
C GLN B 9 -19.53 4.42 -51.72
N GLN B 10 -20.45 5.23 -51.20
CA GLN B 10 -20.39 6.69 -51.46
C GLN B 10 -20.40 7.45 -50.12
N PRO B 11 -19.93 8.74 -50.10
CA PRO B 11 -20.09 9.55 -48.86
C PRO B 11 -21.51 9.59 -48.31
N THR B 12 -21.69 9.51 -46.99
CA THR B 12 -23.03 9.40 -46.37
C THR B 12 -23.86 10.65 -46.68
N LYS B 13 -23.20 11.79 -46.69
CA LYS B 13 -23.84 13.08 -46.95
C LYS B 13 -22.85 14.13 -47.37
N THR B 14 -23.15 14.86 -48.41
CA THR B 14 -22.20 15.90 -48.90
C THR B 14 -22.94 17.20 -49.17
N SER B 15 -22.19 18.31 -49.30
CA SER B 15 -22.82 19.65 -49.43
C SER B 15 -23.55 19.87 -50.76
N ASN B 16 -22.96 19.34 -51.83
CA ASN B 16 -23.53 19.38 -53.16
C ASN B 16 -23.77 17.92 -53.72
N PRO B 17 -25.02 17.41 -53.58
CA PRO B 17 -25.40 16.08 -54.11
C PRO B 17 -25.02 15.87 -55.59
N ASN B 18 -24.78 16.94 -56.38
CA ASN B 18 -24.24 16.77 -57.77
C ASN B 18 -22.80 16.30 -57.91
N ASP B 19 -21.95 16.62 -56.95
CA ASP B 19 -20.57 16.12 -56.97
C ASP B 19 -20.44 14.60 -57.22
N GLN B 20 -19.51 14.20 -58.06
CA GLN B 20 -19.20 12.77 -58.19
CA GLN B 20 -19.14 12.79 -58.28
C GLN B 20 -17.94 12.47 -57.36
N TRP B 21 -17.93 11.29 -56.75
CA TRP B 21 -16.86 10.89 -55.83
C TRP B 21 -16.25 9.61 -56.26
N THR B 22 -14.91 9.56 -56.37
CA THR B 22 -14.15 8.29 -56.55
C THR B 22 -13.49 7.80 -55.26
N ILE B 23 -13.80 6.57 -54.85
CA ILE B 23 -13.16 5.99 -53.64
C ILE B 23 -11.64 5.86 -53.85
N LYS B 24 -10.86 6.19 -52.83
CA LYS B 24 -9.43 6.05 -52.93
C LYS B 24 -9.03 4.89 -52.03
N TRP B 25 -8.63 3.76 -52.66
CA TRP B 25 -8.36 2.56 -51.91
C TRP B 25 -7.14 2.72 -51.03
N SER B 26 -6.26 3.68 -51.34
CA SER B 26 -5.02 3.87 -50.56
C SER B 26 -5.25 4.31 -49.12
N ALA B 27 -6.43 4.82 -48.79
CA ALA B 27 -6.70 5.03 -47.36
C ALA B 27 -8.10 4.60 -46.99
N SER B 28 -8.65 3.64 -47.75
CA SER B 28 -9.95 3.11 -47.41
C SER B 28 -9.75 1.64 -46.99
N ASP B 29 -10.47 1.22 -45.97
CA ASP B 29 -10.35 -0.15 -45.46
C ASP B 29 -11.63 -0.55 -44.74
N GLU B 30 -12.21 -1.69 -45.17
CA GLU B 30 -13.41 -2.22 -44.55
C GLU B 30 -13.04 -3.21 -43.45
N PHE B 31 -11.72 -3.47 -43.29
CA PHE B 31 -11.18 -4.31 -42.20
C PHE B 31 -11.75 -5.70 -42.28
N ASN B 32 -12.02 -6.11 -43.52
CA ASN B 32 -12.57 -7.46 -43.74
C ASN B 32 -11.47 -8.52 -43.71
N LYS B 33 -10.19 -8.09 -43.73
CA LYS B 33 -9.04 -9.03 -43.57
C LYS B 33 -8.66 -9.01 -42.11
N ASN B 34 -8.53 -10.18 -41.53
CA ASN B 34 -8.15 -10.24 -40.13
CA ASN B 34 -8.00 -10.46 -40.18
C ASN B 34 -6.67 -9.77 -39.85
N ASP B 35 -5.78 -9.82 -40.82
CA ASP B 35 -4.48 -9.25 -40.63
C ASP B 35 -4.46 -7.75 -41.00
N PRO B 36 -3.94 -6.89 -40.10
CA PRO B 36 -3.87 -5.45 -40.54
C PRO B 36 -3.06 -5.22 -41.79
N ASP B 37 -3.45 -4.25 -42.60
CA ASP B 37 -2.74 -4.10 -43.90
C ASP B 37 -1.63 -3.07 -43.68
N TRP B 38 -0.43 -3.56 -43.36
CA TRP B 38 0.68 -2.66 -43.06
C TRP B 38 1.43 -2.11 -44.28
N ALA B 39 1.00 -2.53 -45.45
CA ALA B 39 1.38 -1.80 -46.66
C ALA B 39 0.65 -0.45 -46.77
N LYS B 40 -0.59 -0.43 -46.29
CA LYS B 40 -1.46 0.77 -46.38
C LYS B 40 -1.31 1.71 -45.17
N TRP B 41 -1.18 1.12 -44.00
CA TRP B 41 -1.11 1.78 -42.69
C TRP B 41 0.25 1.69 -42.13
N ILE B 42 0.74 2.80 -41.55
CA ILE B 42 2.17 2.83 -41.04
C ILE B 42 2.24 2.04 -39.75
N LYS B 43 2.87 0.88 -39.80
CA LYS B 43 3.04 0.11 -38.57
C LYS B 43 3.83 0.83 -37.44
N THR B 44 5.02 1.39 -37.76
CA THR B 44 5.95 1.94 -36.77
C THR B 44 6.69 3.08 -37.47
N GLY B 45 7.12 4.08 -36.72
CA GLY B 45 8.15 4.98 -37.23
C GLY B 45 7.44 6.27 -37.42
N ASN B 46 6.86 6.45 -38.56
CA ASN B 46 6.45 7.81 -38.88
C ASN B 46 5.06 8.11 -38.24
N LEU B 47 4.96 8.02 -36.88
CA LEU B 47 3.70 8.12 -36.10
C LEU B 47 3.71 9.42 -35.29
N PRO B 48 2.51 9.98 -34.90
CA PRO B 48 2.45 11.25 -34.15
C PRO B 48 3.36 11.29 -32.95
N ASN B 49 4.08 12.40 -32.76
CA ASN B 49 4.84 12.59 -31.55
CA ASN B 49 4.84 12.60 -31.52
C ASN B 49 3.80 12.70 -30.41
N THR B 50 3.98 11.95 -29.34
CA THR B 50 3.08 12.13 -28.23
C THR B 50 4.08 12.25 -27.10
N SER B 51 3.86 13.15 -26.17
CA SER B 51 4.81 13.16 -25.08
C SER B 51 4.25 12.30 -23.96
N ALA B 52 2.99 11.86 -24.09
CA ALA B 52 2.37 11.21 -22.95
C ALA B 52 2.09 9.70 -23.03
N TRP B 53 2.23 9.08 -24.20
CA TRP B 53 2.15 7.60 -24.31
C TRP B 53 2.94 7.21 -25.51
N LYS B 54 3.11 5.91 -25.74
CA LYS B 54 3.80 5.45 -26.95
C LYS B 54 2.88 4.55 -27.82
N TRP B 55 3.22 4.38 -29.11
CA TRP B 55 2.41 3.51 -29.94
C TRP B 55 2.98 2.17 -29.91
N ASN B 56 2.15 1.15 -29.82
CA ASN B 56 2.60 -0.20 -30.10
C ASN B 56 1.62 -0.94 -30.98
N ASN B 57 1.74 -0.79 -32.31
CA ASN B 57 0.71 -1.42 -33.17
C ASN B 57 0.66 -2.96 -33.24
N GLN B 58 1.83 -3.60 -33.12
CA GLN B 58 1.90 -5.04 -32.90
C GLN B 58 1.00 -5.51 -31.77
N LYS B 59 1.00 -4.79 -30.63
CA LYS B 59 0.32 -5.16 -29.37
CA LYS B 59 0.26 -5.33 -29.49
C LYS B 59 -1.14 -4.75 -29.35
N ASN B 60 -1.38 -3.61 -30.00
CA ASN B 60 -2.57 -2.79 -29.69
C ASN B 60 -3.49 -2.57 -30.85
N VAL B 61 -3.24 -3.20 -31.99
CA VAL B 61 -4.14 -3.20 -33.16
C VAL B 61 -4.56 -4.65 -33.48
N LYS B 62 -5.84 -4.96 -33.51
CA LYS B 62 -6.32 -6.33 -33.76
C LYS B 62 -7.51 -6.15 -34.65
N ILE B 63 -7.77 -7.12 -35.54
CA ILE B 63 -8.94 -7.04 -36.42
C ILE B 63 -9.67 -8.35 -36.19
N SER B 64 -10.97 -8.27 -36.07
CA SER B 64 -11.80 -9.50 -35.99
C SER B 64 -13.15 -9.35 -36.65
N ASN B 65 -13.38 -10.24 -37.62
CA ASN B 65 -14.58 -10.25 -38.41
C ASN B 65 -15.12 -8.90 -38.80
N GLY B 66 -14.27 -8.12 -39.49
CA GLY B 66 -14.78 -6.88 -40.08
C GLY B 66 -14.58 -5.69 -39.17
N ILE B 67 -14.10 -5.87 -37.97
CA ILE B 67 -14.00 -4.69 -37.04
C ILE B 67 -12.52 -4.58 -36.59
N ALA B 68 -11.91 -3.39 -36.73
CA ALA B 68 -10.61 -3.13 -36.15
C ALA B 68 -10.80 -2.65 -34.71
N GLU B 69 -9.90 -3.09 -33.84
CA GLU B 69 -9.84 -2.77 -32.43
C GLU B 69 -8.51 -2.06 -32.08
N LEU B 70 -8.57 -0.85 -31.49
CA LEU B 70 -7.37 -0.15 -31.12
CA LEU B 70 -7.38 -0.12 -31.10
C LEU B 70 -7.45 0.00 -29.59
N THR B 71 -6.36 -0.40 -28.90
CA THR B 71 -6.42 -0.60 -27.44
C THR B 71 -5.36 0.23 -26.72
N MET B 72 -5.78 0.81 -25.60
CA MET B 72 -4.90 1.53 -24.70
C MET B 72 -4.56 0.55 -23.58
N ARG B 73 -3.25 0.30 -23.40
CA ARG B 73 -2.77 -0.64 -22.39
C ARG B 73 -1.83 0.01 -21.42
N HIS B 74 -1.90 -0.43 -20.16
CA HIS B 74 -0.98 0.05 -19.11
C HIS B 74 0.32 -0.77 -19.26
N ASN B 75 1.47 -0.09 -19.25
CA ASN B 75 2.79 -0.83 -19.32
C ASN B 75 2.89 -1.88 -18.16
N ALA B 76 3.36 -3.09 -18.45
CA ALA B 76 3.61 -4.20 -17.46
C ALA B 76 4.37 -3.64 -16.21
N ASN B 77 3.82 -3.85 -15.00
CA ASN B 77 4.49 -3.47 -13.73
C ASN B 77 4.62 -1.95 -13.59
N ASN B 78 3.81 -1.22 -14.35
CA ASN B 78 3.88 0.26 -14.34
C ASN B 78 5.27 0.78 -14.80
N THR B 79 6.02 0.01 -15.55
CA THR B 79 7.42 0.43 -15.86
C THR B 79 7.42 1.59 -16.83
N PRO B 80 8.03 2.74 -16.47
CA PRO B 80 7.99 3.80 -17.50
C PRO B 80 8.85 3.52 -18.70
N ASP B 81 8.41 4.00 -19.86
CA ASP B 81 9.20 3.93 -21.09
C ASP B 81 9.37 5.33 -21.67
N GLY B 82 10.57 5.91 -21.53
CA GLY B 82 10.82 7.29 -21.91
C GLY B 82 9.76 8.20 -21.26
N GLY B 83 9.52 8.04 -19.96
CA GLY B 83 8.64 8.94 -19.21
C GLY B 83 7.13 8.71 -19.35
N THR B 84 6.76 7.57 -19.96
CA THR B 84 5.35 7.25 -20.28
C THR B 84 4.97 5.85 -19.75
N TYR B 85 3.68 5.69 -19.47
CA TYR B 85 3.18 4.56 -18.69
C TYR B 85 2.18 3.67 -19.45
N PHE B 86 1.85 4.13 -20.65
CA PHE B 86 0.80 3.50 -21.46
C PHE B 86 1.25 3.33 -22.89
N THR B 87 0.67 2.35 -23.58
CA THR B 87 0.81 2.28 -25.03
C THR B 87 -0.57 2.18 -25.69
N SER B 88 -0.62 2.60 -26.95
CA SER B 88 -1.89 2.62 -27.67
C SER B 88 -1.68 2.14 -29.09
N GLY B 89 -2.75 2.26 -29.88
CA GLY B 89 -2.72 1.88 -31.27
C GLY B 89 -3.23 2.98 -32.23
N ILE B 90 -2.80 2.90 -33.48
CA ILE B 90 -3.09 3.95 -34.50
C ILE B 90 -3.11 3.35 -35.86
N PHE B 91 -4.12 3.69 -36.65
CA PHE B 91 -4.03 3.52 -38.08
C PHE B 91 -3.64 4.88 -38.69
N LYS B 92 -2.49 4.97 -39.37
CA LYS B 92 -2.07 6.23 -40.04
C LYS B 92 -1.75 5.91 -41.46
N SER B 93 -2.47 6.48 -42.42
CA SER B 93 -2.24 6.08 -43.85
C SER B 93 -0.84 6.54 -44.33
N TYR B 94 -0.18 5.71 -45.16
CA TYR B 94 1.04 6.23 -45.83
CA TYR B 94 1.01 6.15 -45.93
C TYR B 94 0.65 7.35 -46.81
N GLN B 95 -0.48 7.20 -47.49
CA GLN B 95 -0.88 8.19 -48.50
C GLN B 95 -1.39 9.51 -47.85
N LYS B 96 -1.03 10.64 -48.50
CA LYS B 96 -1.55 11.94 -48.06
C LYS B 96 -2.63 12.43 -49.00
N PHE B 97 -3.51 13.29 -48.48
CA PHE B 97 -4.59 13.83 -49.28
C PHE B 97 -4.77 15.28 -48.82
N THR B 98 -5.52 16.04 -49.59
CA THR B 98 -5.91 17.33 -49.04
CA THR B 98 -5.83 17.40 -49.19
C THR B 98 -7.38 17.56 -49.25
N TYR B 99 -7.86 17.67 -50.46
CA TYR B 99 -9.29 17.86 -50.53
C TYR B 99 -10.00 16.54 -50.80
N GLY B 100 -11.24 16.41 -50.32
CA GLY B 100 -12.02 15.18 -50.61
C GLY B 100 -12.98 14.96 -49.47
N TYR B 101 -13.37 13.70 -49.26
CA TYR B 101 -14.32 13.38 -48.25
C TYR B 101 -13.74 12.22 -47.44
N PHE B 102 -13.88 12.32 -46.13
CA PHE B 102 -13.26 11.36 -45.22
C PHE B 102 -14.29 10.86 -44.19
N GLU B 103 -14.41 9.55 -44.05
CA GLU B 103 -15.54 9.06 -43.25
C GLU B 103 -15.08 7.78 -42.48
N ALA B 104 -15.48 7.63 -41.20
CA ALA B 104 -15.18 6.40 -40.54
C ALA B 104 -16.32 6.03 -39.65
N LYS B 105 -16.49 4.75 -39.42
CA LYS B 105 -17.65 4.33 -38.58
C LYS B 105 -17.02 3.76 -37.32
N ILE B 106 -17.28 4.37 -36.17
CA ILE B 106 -16.45 4.17 -35.01
C ILE B 106 -17.35 4.00 -33.79
N GLN B 107 -16.99 3.09 -32.90
CA GLN B 107 -17.52 3.02 -31.58
C GLN B 107 -16.41 3.38 -30.60
N GLY B 108 -16.79 4.16 -29.59
CA GLY B 108 -15.90 4.63 -28.51
C GLY B 108 -15.51 3.57 -27.53
N ALA B 109 -14.93 4.05 -26.42
CA ALA B 109 -14.22 3.18 -25.43
C ALA B 109 -15.02 3.07 -24.15
N ASP B 110 -15.10 1.84 -23.61
CA ASP B 110 -15.96 1.61 -22.44
CA ASP B 110 -15.91 1.54 -22.40
C ASP B 110 -15.52 2.30 -21.15
N ILE B 111 -14.29 2.77 -21.09
CA ILE B 111 -13.79 3.48 -19.91
C ILE B 111 -14.58 4.77 -19.63
N GLY B 112 -15.16 5.39 -20.64
CA GLY B 112 -15.79 6.66 -20.37
C GLY B 112 -14.74 7.74 -20.39
N GLU B 113 -14.42 8.38 -19.29
CA GLU B 113 -13.36 9.37 -19.28
C GLU B 113 -11.94 8.73 -19.19
N GLY B 114 -10.95 9.30 -19.88
CA GLY B 114 -9.56 8.83 -19.74
C GLY B 114 -8.83 8.52 -21.05
N VAL B 115 -9.59 8.31 -22.13
CA VAL B 115 -9.05 8.15 -23.49
C VAL B 115 -9.86 8.96 -24.49
N CYS B 116 -9.30 9.12 -25.65
CA CYS B 116 -9.91 9.88 -26.73
C CYS B 116 -9.89 9.13 -28.06
N PRO B 117 -10.96 8.38 -28.37
CA PRO B 117 -11.08 7.82 -29.77
C PRO B 117 -11.17 8.98 -30.77
N SER B 118 -10.29 9.01 -31.77
CA SER B 118 -10.21 10.11 -32.72
CA SER B 118 -10.28 10.10 -32.73
CA SER B 118 -10.22 10.12 -32.74
C SER B 118 -10.10 9.66 -34.18
N PHE B 119 -10.62 10.49 -35.06
CA PHE B 119 -10.47 10.29 -36.49
C PHE B 119 -9.97 11.68 -36.93
N TRP B 120 -8.80 11.73 -37.60
CA TRP B 120 -8.23 13.04 -37.87
C TRP B 120 -7.20 13.00 -38.96
N LEU B 121 -6.89 14.18 -39.54
CA LEU B 121 -6.03 14.32 -40.71
C LEU B 121 -4.94 15.31 -40.32
N TYR B 122 -3.65 15.02 -40.60
CA TYR B 122 -2.65 15.94 -40.07
C TYR B 122 -1.43 15.85 -40.98
N SER B 123 -0.84 17.00 -41.29
CA SER B 123 0.34 17.08 -42.16
C SER B 123 1.66 16.91 -41.44
N ASP B 124 2.79 16.82 -42.16
CA ASP B 124 4.03 17.10 -41.40
C ASP B 124 4.19 18.62 -41.04
N PHE B 125 5.30 18.95 -40.41
CA PHE B 125 5.60 20.35 -40.09
C PHE B 125 6.63 20.83 -41.09
N ASP B 126 6.29 21.88 -41.81
CA ASP B 126 7.23 22.49 -42.82
C ASP B 126 7.54 23.92 -42.32
N TYR B 127 8.56 24.06 -41.48
CA TYR B 127 8.93 25.37 -40.92
C TYR B 127 9.75 26.20 -41.92
N SER B 128 9.89 25.71 -43.16
CA SER B 128 10.67 26.37 -44.23
C SER B 128 9.85 27.37 -45.09
N VAL B 129 8.56 27.44 -44.81
CA VAL B 129 7.66 28.13 -45.65
C VAL B 129 7.87 29.62 -45.29
N ALA B 130 7.39 30.47 -46.17
CA ALA B 130 7.56 31.92 -46.04
C ALA B 130 6.56 32.53 -45.07
N ASN B 131 6.83 33.77 -44.63
CA ASN B 131 6.01 34.42 -43.61
C ASN B 131 4.56 34.41 -44.05
N GLY B 132 3.67 34.08 -43.11
CA GLY B 132 2.24 34.04 -43.46
C GLY B 132 1.74 32.66 -43.90
N GLU B 133 2.66 31.76 -44.38
CA GLU B 133 2.28 30.47 -44.97
CA GLU B 133 2.24 30.50 -44.92
C GLU B 133 2.04 29.47 -43.83
N THR B 134 1.27 28.43 -44.14
CA THR B 134 0.99 27.39 -43.18
C THR B 134 2.18 26.41 -43.04
N VAL B 135 2.59 26.25 -41.80
CA VAL B 135 3.60 25.23 -41.46
C VAL B 135 2.96 23.86 -41.23
N TYR B 136 1.78 23.81 -40.64
CA TYR B 136 1.20 22.50 -40.24
C TYR B 136 -0.32 22.62 -40.31
N SER B 137 -1.02 21.63 -40.90
CA SER B 137 -2.49 21.66 -40.95
C SER B 137 -2.99 20.37 -40.24
N GLU B 138 -4.06 20.55 -39.46
CA GLU B 138 -4.69 19.34 -38.84
C GLU B 138 -6.17 19.56 -38.79
N ILE B 139 -6.89 18.57 -39.30
CA ILE B 139 -8.35 18.63 -39.20
C ILE B 139 -8.84 17.44 -38.35
N ASP B 140 -9.50 17.72 -37.23
CA ASP B 140 -10.05 16.62 -36.37
C ASP B 140 -11.45 16.34 -36.85
N VAL B 141 -11.68 15.15 -37.44
CA VAL B 141 -13.02 14.82 -37.90
C VAL B 141 -13.85 14.57 -36.69
N VAL B 142 -13.30 13.84 -35.70
CA VAL B 142 -13.99 13.83 -34.38
C VAL B 142 -13.02 13.44 -33.28
N GLU B 143 -13.14 14.08 -32.15
CA GLU B 143 -12.52 13.58 -30.93
C GLU B 143 -13.65 13.24 -30.01
N LEU B 144 -13.80 11.95 -29.65
CA LEU B 144 -14.81 11.50 -28.70
C LEU B 144 -14.31 11.42 -27.22
N GLN B 145 -15.24 11.60 -26.27
CA GLN B 145 -15.01 11.30 -24.88
C GLN B 145 -13.85 12.03 -24.25
N GLN B 146 -13.49 13.20 -24.76
CA GLN B 146 -12.33 13.77 -24.19
C GLN B 146 -12.61 14.62 -22.91
N PHE B 147 -13.89 14.91 -22.62
CA PHE B 147 -14.38 15.60 -21.40
C PHE B 147 -13.56 16.87 -21.29
N ASP B 148 -13.57 17.60 -22.38
CA ASP B 148 -12.89 18.88 -22.46
C ASP B 148 -13.54 19.87 -21.48
N TRP B 149 -12.76 20.86 -21.05
CA TRP B 149 -13.28 21.97 -20.26
C TRP B 149 -13.05 23.25 -21.07
N TYR B 150 -14.06 24.10 -21.26
CA TYR B 150 -13.93 25.31 -22.10
C TYR B 150 -14.88 26.40 -21.60
N GLU B 151 -14.33 27.57 -21.20
CA GLU B 151 -15.22 28.72 -20.90
C GLU B 151 -16.26 28.39 -19.86
N GLY B 152 -15.78 27.73 -18.81
CA GLY B 152 -16.56 27.43 -17.63
C GLY B 152 -17.45 26.19 -17.75
N HIS B 153 -17.41 25.50 -18.90
CA HIS B 153 -18.33 24.36 -19.22
C HIS B 153 -17.52 23.10 -19.24
N GLN B 154 -17.91 22.15 -18.39
CA GLN B 154 -17.27 20.90 -18.34
C GLN B 154 -18.04 19.91 -19.27
N ASP B 155 -17.36 19.33 -20.26
CA ASP B 155 -18.05 18.38 -21.11
C ASP B 155 -18.18 17.01 -20.41
N ASP B 156 -19.11 16.19 -20.92
CA ASP B 156 -19.30 14.80 -20.45
C ASP B 156 -19.27 13.84 -21.65
N ILE B 157 -19.70 12.58 -21.43
CA ILE B 157 -19.58 11.51 -22.48
C ILE B 157 -20.35 11.87 -23.75
N TYR B 158 -21.39 12.69 -23.62
CA TYR B 158 -22.21 12.97 -24.82
C TYR B 158 -21.63 14.07 -25.75
N ASP B 159 -20.63 14.78 -25.27
CA ASP B 159 -20.13 15.93 -26.01
C ASP B 159 -18.96 15.47 -26.87
N MET B 160 -18.82 16.01 -28.09
CA MET B 160 -17.67 15.64 -28.89
C MET B 160 -17.07 16.89 -29.52
N ASP B 161 -15.81 16.81 -29.90
CA ASP B 161 -15.08 17.99 -30.40
C ASP B 161 -14.66 17.68 -31.85
N LEU B 162 -14.71 18.72 -32.69
CA LEU B 162 -14.50 18.53 -34.12
C LEU B 162 -13.61 19.68 -34.58
N ASN B 163 -12.41 19.74 -34.05
CA ASN B 163 -11.64 21.00 -34.12
C ASN B 163 -10.65 21.06 -35.29
N LEU B 164 -10.25 22.29 -35.65
CA LEU B 164 -9.09 22.55 -36.50
C LEU B 164 -7.88 23.07 -35.73
N HIS B 165 -6.66 22.65 -36.12
CA HIS B 165 -5.44 23.12 -35.52
C HIS B 165 -4.49 23.49 -36.67
N ALA B 166 -3.65 24.48 -36.43
CA ALA B 166 -2.66 24.90 -37.45
C ALA B 166 -1.46 25.54 -36.80
N VAL B 167 -0.29 25.46 -37.47
CA VAL B 167 0.84 26.35 -37.13
C VAL B 167 1.04 27.22 -38.36
N VAL B 168 1.12 28.51 -38.13
CA VAL B 168 1.28 29.52 -39.21
C VAL B 168 2.59 30.25 -38.96
N LYS B 169 3.34 30.51 -40.03
CA LYS B 169 4.58 31.26 -39.90
C LYS B 169 4.34 32.75 -39.60
N GLU B 170 4.89 33.17 -38.43
CA GLU B 170 4.84 34.59 -38.04
C GLU B 170 6.18 35.07 -37.58
N ASN B 171 6.80 35.95 -38.41
CA ASN B 171 8.10 36.48 -38.07
C ASN B 171 9.00 35.34 -37.48
N GLY B 172 9.19 34.27 -38.28
CA GLY B 172 10.27 33.31 -38.01
C GLY B 172 9.92 32.23 -37.00
N GLN B 173 8.78 32.45 -36.31
CA GLN B 173 8.26 31.40 -35.47
C GLN B 173 7.07 30.84 -36.23
N GLY B 174 6.88 29.55 -35.99
CA GLY B 174 5.64 28.90 -36.26
C GLY B 174 4.76 29.13 -35.04
N VAL B 175 3.70 29.87 -35.25
CA VAL B 175 2.81 30.20 -34.15
C VAL B 175 1.65 29.22 -34.21
N TRP B 176 1.40 28.56 -33.09
CA TRP B 176 0.21 27.67 -32.99
C TRP B 176 -1.07 28.43 -33.02
N LYS B 177 -2.04 27.93 -33.79
CA LYS B 177 -3.38 28.53 -33.87
C LYS B 177 -4.25 27.38 -33.34
N ARG B 178 -4.62 27.50 -32.07
CA ARG B 178 -5.32 26.44 -31.35
CA ARG B 178 -5.32 26.43 -31.35
C ARG B 178 -6.80 26.77 -31.30
N PRO B 179 -7.67 25.74 -31.31
CA PRO B 179 -9.10 26.04 -31.39
C PRO B 179 -9.61 26.93 -30.28
N LYS B 180 -9.10 26.79 -29.05
CA LYS B 180 -9.59 27.66 -27.92
CA LYS B 180 -9.56 27.63 -27.94
C LYS B 180 -9.14 29.08 -28.11
N MET B 181 -8.11 29.33 -28.89
CA MET B 181 -7.68 30.68 -29.10
CA MET B 181 -7.67 30.69 -29.10
C MET B 181 -8.37 31.35 -30.26
N TYR B 182 -8.82 30.55 -31.20
CA TYR B 182 -9.48 31.01 -32.40
C TYR B 182 -10.78 30.27 -32.59
N PRO B 183 -11.74 30.39 -31.62
CA PRO B 183 -12.90 29.44 -31.59
C PRO B 183 -13.86 29.67 -32.78
N GLN B 184 -14.05 30.94 -33.16
CA GLN B 184 -14.96 31.22 -34.29
C GLN B 184 -14.49 30.54 -35.57
N GLU B 185 -13.15 30.47 -35.73
CA GLU B 185 -12.54 29.95 -36.94
CA GLU B 185 -12.49 29.97 -36.92
C GLU B 185 -12.23 28.44 -36.82
N GLN B 186 -12.08 27.94 -35.59
CA GLN B 186 -11.41 26.61 -35.47
C GLN B 186 -12.05 25.62 -34.49
N LEU B 187 -12.94 26.08 -33.64
CA LEU B 187 -13.55 25.24 -32.60
C LEU B 187 -14.96 24.82 -32.96
N ASN B 188 -15.21 23.51 -32.90
CA ASN B 188 -16.53 22.93 -32.98
C ASN B 188 -16.80 21.94 -31.89
N LYS B 189 -18.00 22.06 -31.32
CA LYS B 189 -18.51 21.16 -30.25
C LYS B 189 -19.91 20.73 -30.68
N TRP B 190 -20.26 19.48 -30.42
CA TRP B 190 -21.57 19.00 -30.73
C TRP B 190 -21.92 18.03 -29.65
N ARG B 191 -23.17 18.08 -29.17
CA ARG B 191 -23.61 17.12 -28.16
C ARG B 191 -24.54 16.13 -28.79
N ALA B 192 -24.24 14.86 -28.63
CA ALA B 192 -25.05 13.82 -29.19
C ALA B 192 -26.23 13.51 -28.31
N PRO B 193 -27.28 12.98 -28.92
CA PRO B 193 -28.40 12.49 -28.07
C PRO B 193 -28.23 11.03 -27.70
N TRP B 194 -27.08 10.42 -28.02
CA TRP B 194 -26.82 8.99 -27.72
C TRP B 194 -25.37 8.96 -27.20
N ASP B 195 -25.02 7.86 -26.52
CA ASP B 195 -23.67 7.70 -25.95
C ASP B 195 -22.70 7.21 -27.04
N PRO B 196 -21.71 8.03 -27.48
CA PRO B 196 -20.76 7.59 -28.52
C PRO B 196 -19.87 6.40 -28.16
N SER B 197 -19.79 6.06 -26.90
CA SER B 197 -18.92 4.99 -26.46
C SER B 197 -19.67 3.65 -26.58
N LYS B 198 -21.00 3.66 -26.81
CA LYS B 198 -21.82 2.47 -26.67
C LYS B 198 -22.09 1.73 -27.97
N ASP B 199 -22.11 2.47 -29.08
CA ASP B 199 -22.49 1.96 -30.41
C ASP B 199 -21.64 2.60 -31.51
N PHE B 200 -21.73 2.03 -32.71
CA PHE B 200 -20.99 2.59 -33.88
C PHE B 200 -21.77 3.74 -34.50
N HIS B 201 -21.06 4.86 -34.76
CA HIS B 201 -21.67 5.97 -35.50
C HIS B 201 -20.74 6.39 -36.60
N ILE B 202 -21.27 7.22 -37.50
N ILE B 202 -21.27 7.26 -37.45
CA ILE B 202 -20.57 7.60 -38.70
CA ILE B 202 -20.67 7.70 -38.68
C ILE B 202 -20.11 9.06 -38.62
C ILE B 202 -20.11 9.11 -38.58
N TYR B 203 -18.78 9.24 -38.72
CA TYR B 203 -18.12 10.60 -38.60
C TYR B 203 -17.51 10.92 -39.95
N GLY B 204 -18.00 12.02 -40.59
CA GLY B 204 -17.51 12.41 -41.91
C GLY B 204 -17.06 13.83 -41.93
N CYS B 205 -16.25 14.09 -42.93
CA CYS B 205 -15.72 15.45 -43.13
C CYS B 205 -15.42 15.67 -44.59
N GLU B 206 -16.00 16.76 -45.11
CA GLU B 206 -15.86 17.20 -46.47
C GLU B 206 -14.89 18.36 -46.50
N VAL B 207 -13.78 18.22 -47.23
CA VAL B 207 -12.73 19.26 -47.24
C VAL B 207 -12.51 19.75 -48.67
N ASN B 208 -12.72 21.05 -48.88
CA ASN B 208 -12.41 21.61 -50.20
C ASN B 208 -11.60 22.92 -50.07
N GLN B 209 -11.32 23.61 -51.16
CA GLN B 209 -10.41 24.77 -50.98
C GLN B 209 -11.08 25.94 -50.26
N ASN B 210 -12.41 25.91 -50.19
CA ASN B 210 -13.16 26.99 -49.58
C ASN B 210 -13.63 26.76 -48.16
N GLU B 211 -14.09 25.54 -47.85
CA GLU B 211 -14.69 25.28 -46.54
C GLU B 211 -14.43 23.81 -46.12
N ILE B 212 -14.60 23.59 -44.81
CA ILE B 212 -14.57 22.23 -44.19
C ILE B 212 -15.91 22.01 -43.54
N ILE B 213 -16.53 20.87 -43.82
CA ILE B 213 -17.88 20.60 -43.30
C ILE B 213 -17.88 19.24 -42.61
N TRP B 214 -18.38 19.20 -41.37
CA TRP B 214 -18.43 17.92 -40.61
C TRP B 214 -19.82 17.34 -40.53
N TYR B 215 -19.89 16.01 -40.55
CA TYR B 215 -21.15 15.28 -40.48
C TYR B 215 -21.10 14.24 -39.38
N VAL B 216 -22.20 14.04 -38.67
CA VAL B 216 -22.28 12.92 -37.75
C VAL B 216 -23.59 12.17 -38.07
N ASP B 217 -23.50 10.87 -38.35
CA ASP B 217 -24.68 10.11 -38.87
C ASP B 217 -25.43 10.83 -39.98
N GLY B 218 -24.67 11.39 -40.93
CA GLY B 218 -25.25 11.94 -42.20
C GLY B 218 -25.88 13.28 -42.02
N VAL B 219 -25.64 13.92 -40.88
CA VAL B 219 -26.24 15.25 -40.63
C VAL B 219 -25.07 16.21 -40.49
N GLU B 220 -25.10 17.31 -41.26
CA GLU B 220 -24.06 18.38 -41.03
C GLU B 220 -24.18 18.95 -39.64
N VAL B 221 -23.05 18.96 -38.93
CA VAL B 221 -23.00 19.51 -37.56
C VAL B 221 -22.08 20.74 -37.45
N ALA B 222 -21.21 21.03 -38.44
CA ALA B 222 -20.35 22.21 -38.31
C ALA B 222 -19.78 22.52 -39.70
N ARG B 223 -19.33 23.77 -39.88
CA ARG B 223 -18.73 24.17 -41.12
C ARG B 223 -17.79 25.32 -40.77
N LYS B 224 -16.61 25.36 -41.38
CA LYS B 224 -15.69 26.50 -41.17
C LYS B 224 -15.05 26.83 -42.48
N PRO B 225 -14.60 28.09 -42.64
CA PRO B 225 -13.81 28.44 -43.80
C PRO B 225 -12.45 27.73 -43.84
N ASN B 226 -12.00 27.30 -45.03
CA ASN B 226 -10.68 26.72 -45.14
C ASN B 226 -9.52 27.78 -45.36
N LYS B 227 -9.01 28.26 -44.24
CA LYS B 227 -7.96 29.25 -44.22
C LYS B 227 -6.56 28.63 -44.30
N TYR B 228 -6.31 27.54 -43.52
CA TYR B 228 -4.97 27.00 -43.24
C TYR B 228 -4.84 25.49 -43.49
N TRP B 229 -5.82 24.89 -44.15
CA TRP B 229 -5.94 23.40 -44.22
C TRP B 229 -5.84 23.04 -45.66
N HIS B 230 -4.74 23.51 -46.26
CA HIS B 230 -4.46 23.18 -47.68
C HIS B 230 -3.24 22.31 -47.83
N ARG B 231 -2.59 21.86 -46.75
CA ARG B 231 -1.36 21.05 -46.91
C ARG B 231 -1.76 19.57 -47.08
N PRO B 232 -0.88 18.73 -47.62
CA PRO B 232 -1.19 17.26 -47.64
C PRO B 232 -1.21 16.68 -46.22
N MET B 233 -2.24 15.88 -45.95
CA MET B 233 -2.49 15.25 -44.64
C MET B 233 -2.69 13.75 -44.76
N ASN B 234 -2.16 13.05 -43.76
CA ASN B 234 -2.35 11.60 -43.57
C ASN B 234 -3.65 11.36 -42.83
N VAL B 235 -4.30 10.30 -43.21
CA VAL B 235 -5.63 9.94 -42.61
C VAL B 235 -5.38 9.06 -41.40
N THR B 236 -5.99 9.41 -40.26
CA THR B 236 -5.52 8.82 -38.97
C THR B 236 -6.68 8.41 -38.12
N LEU B 237 -6.64 7.19 -37.61
CA LEU B 237 -7.60 6.74 -36.57
C LEU B 237 -6.76 6.36 -35.33
N SER B 238 -7.02 6.93 -34.16
CA SER B 238 -6.06 6.58 -33.06
C SER B 238 -6.82 6.76 -31.73
N LEU B 239 -6.31 6.09 -30.71
CA LEU B 239 -6.91 6.12 -29.40
C LEU B 239 -5.89 6.89 -28.49
N GLY B 240 -6.25 8.13 -28.13
CA GLY B 240 -5.36 8.98 -27.29
C GLY B 240 -5.58 8.85 -25.80
N LEU B 241 -4.60 9.36 -25.03
CA LEU B 241 -4.71 9.26 -23.60
C LEU B 241 -5.10 10.63 -23.10
N ARG B 242 -5.89 10.69 -22.02
CA ARG B 242 -6.44 11.98 -21.47
C ARG B 242 -6.45 11.93 -19.93
N LYS B 243 -6.78 13.05 -19.28
CA LYS B 243 -7.01 13.10 -17.83
CA LYS B 243 -6.97 13.07 -17.84
C LYS B 243 -7.97 11.96 -17.47
N PRO B 244 -7.73 11.24 -16.34
CA PRO B 244 -6.75 11.61 -15.31
C PRO B 244 -5.32 11.08 -15.60
N PHE B 245 -5.08 10.52 -16.78
CA PHE B 245 -3.74 9.94 -17.07
C PHE B 245 -2.72 10.95 -17.58
N VAL B 246 -3.18 12.17 -17.83
CA VAL B 246 -2.25 13.20 -18.32
C VAL B 246 -2.63 14.49 -17.65
N LYS B 247 -1.66 15.41 -17.61
CA LYS B 247 -1.88 16.76 -17.06
C LYS B 247 -1.30 17.78 -18.04
N PHE B 248 -2.09 18.78 -18.39
CA PHE B 248 -1.66 19.82 -19.31
C PHE B 248 -0.78 20.82 -18.57
N PHE B 249 0.44 20.93 -19.08
CA PHE B 249 1.22 22.15 -18.95
C PHE B 249 1.99 22.38 -20.27
N ASP B 250 2.32 23.65 -20.55
CA ASP B 250 3.21 24.04 -21.65
C ASP B 250 2.71 23.55 -22.99
N ASN B 251 1.41 23.73 -23.16
CA ASN B 251 0.64 23.47 -24.39
C ASN B 251 0.66 22.06 -24.98
N LYS B 252 0.82 21.07 -24.09
CA LYS B 252 0.80 19.63 -24.43
C LYS B 252 0.48 18.72 -23.21
N ASN B 253 -0.02 17.52 -23.51
CA ASN B 253 -0.16 16.45 -22.53
C ASN B 253 1.20 16.06 -21.90
N ASN B 254 1.23 16.02 -20.57
CA ASN B 254 2.33 15.40 -19.81
C ASN B 254 1.83 14.19 -19.06
N ALA B 255 2.60 13.12 -19.02
CA ALA B 255 2.19 11.85 -18.34
C ALA B 255 2.12 11.91 -16.80
N ILE B 256 1.07 11.29 -16.21
CA ILE B 256 0.89 11.15 -14.76
C ILE B 256 1.17 9.67 -14.41
N ASN B 257 2.11 9.43 -13.50
CA ASN B 257 2.32 8.05 -13.05
C ASN B 257 1.08 7.62 -12.27
N PRO B 258 0.39 6.56 -12.70
CA PRO B 258 -0.83 6.21 -11.87
C PRO B 258 -0.65 5.93 -10.35
N GLU B 259 0.55 5.65 -9.89
CA GLU B 259 0.67 5.19 -8.49
C GLU B 259 0.99 6.42 -7.59
N THR B 260 0.84 7.60 -8.21
CA THR B 260 1.02 8.90 -7.55
C THR B 260 -0.24 9.71 -7.56
N ASP B 261 -1.32 9.22 -8.22
CA ASP B 261 -2.52 10.04 -8.37
C ASP B 261 -3.75 9.17 -8.11
N ALA B 262 -4.62 9.57 -7.18
CA ALA B 262 -5.76 8.74 -6.80
C ALA B 262 -6.70 8.45 -7.98
N LYS B 263 -7.00 9.49 -8.78
CA LYS B 263 -8.04 9.34 -9.84
C LYS B 263 -7.48 8.45 -10.94
N ALA B 264 -6.19 8.60 -11.24
CA ALA B 264 -5.59 7.70 -12.29
C ALA B 264 -5.53 6.24 -11.83
N ARG B 265 -5.16 6.08 -10.56
CA ARG B 265 -5.07 4.75 -9.99
C ARG B 265 -6.43 4.06 -10.00
N GLU B 266 -7.49 4.78 -9.66
CA GLU B 266 -8.73 4.07 -9.71
C GLU B 266 -9.23 3.78 -11.13
N LYS B 267 -8.89 4.63 -12.12
CA LYS B 267 -9.31 4.32 -13.51
C LYS B 267 -8.54 3.15 -14.14
N LEU B 268 -7.43 2.75 -13.55
CA LEU B 268 -6.69 1.60 -14.07
C LEU B 268 -7.50 0.32 -14.12
N SER B 269 -8.47 0.18 -13.22
CA SER B 269 -9.40 -0.97 -13.28
C SER B 269 -10.19 -1.04 -14.60
N ASP B 270 -10.23 0.05 -15.37
CA ASP B 270 -10.93 0.07 -16.64
C ASP B 270 -9.96 0.02 -17.84
N ILE B 271 -8.69 -0.26 -17.55
CA ILE B 271 -7.66 -0.44 -18.56
C ILE B 271 -7.25 -1.96 -18.56
N PRO B 272 -7.18 -2.58 -19.73
CA PRO B 272 -7.21 -1.97 -21.07
C PRO B 272 -8.59 -1.60 -21.52
N THR B 273 -8.61 -0.72 -22.51
CA THR B 273 -9.90 -0.28 -23.10
C THR B 273 -9.66 -0.06 -24.59
N SER B 274 -10.71 -0.24 -25.41
CA SER B 274 -10.53 -0.20 -26.83
C SER B 274 -11.54 0.70 -27.49
N MET B 275 -11.16 1.26 -28.62
CA MET B 275 -12.19 1.80 -29.59
C MET B 275 -12.29 0.79 -30.73
N TYR B 276 -13.36 0.88 -31.51
CA TYR B 276 -13.59 -0.04 -32.58
C TYR B 276 -13.94 0.70 -33.83
N VAL B 277 -13.44 0.19 -34.98
CA VAL B 277 -13.67 0.86 -36.24
C VAL B 277 -14.18 -0.17 -37.19
N ASP B 278 -15.38 0.07 -37.74
CA ASP B 278 -15.90 -0.87 -38.73
C ASP B 278 -15.33 -0.58 -40.16
N TYR B 279 -15.17 0.72 -40.46
CA TYR B 279 -14.60 1.08 -41.73
C TYR B 279 -13.97 2.47 -41.68
N VAL B 280 -13.04 2.70 -42.60
CA VAL B 280 -12.58 4.06 -42.97
C VAL B 280 -12.66 4.12 -44.50
N ARG B 281 -13.29 5.18 -44.98
CA ARG B 281 -13.44 5.41 -46.43
C ARG B 281 -12.95 6.85 -46.77
N VAL B 282 -12.19 6.95 -47.89
CA VAL B 282 -11.70 8.27 -48.36
C VAL B 282 -12.05 8.39 -49.84
N TRP B 283 -12.65 9.54 -50.22
CA TRP B 283 -12.94 9.80 -51.67
C TRP B 283 -12.28 11.10 -52.09
N GLU B 284 -11.99 11.17 -53.39
CA GLU B 284 -11.67 12.44 -54.07
C GLU B 284 -12.76 12.80 -55.04
N LYS B 285 -12.99 14.11 -55.20
CA LYS B 285 -14.02 14.63 -56.15
C LYS B 285 -13.54 14.27 -57.55
N SER B 286 -14.38 13.58 -58.36
CA SER B 286 -14.02 13.18 -59.77
C SER B 286 -14.03 14.41 -60.62
N GLN C 9 22.11 31.53 14.00
CA GLN C 9 20.65 31.75 14.22
C GLN C 9 20.02 30.44 14.80
N GLN C 10 19.11 30.56 15.76
CA GLN C 10 18.54 29.37 16.49
C GLN C 10 16.99 29.40 16.47
N PRO C 11 16.30 28.24 16.55
CA PRO C 11 14.85 28.29 16.66
C PRO C 11 14.40 29.34 17.68
N THR C 12 13.32 30.06 17.41
CA THR C 12 12.85 31.05 18.33
C THR C 12 12.36 30.46 19.68
N LYS C 13 11.64 29.34 19.66
CA LYS C 13 11.16 28.73 20.90
C LYS C 13 11.00 27.25 20.66
N THR C 14 11.50 26.41 21.56
CA THR C 14 11.28 24.94 21.40
C THR C 14 10.71 24.33 22.71
N SER C 15 10.19 23.11 22.62
CA SER C 15 9.55 22.45 23.74
C SER C 15 10.51 22.05 24.86
N ASN C 16 11.75 21.75 24.50
CA ASN C 16 12.77 21.37 25.48
C ASN C 16 13.93 22.39 25.31
N PRO C 17 14.01 23.41 26.21
CA PRO C 17 15.13 24.35 26.05
C PRO C 17 16.50 23.69 26.31
N ASN C 18 16.53 22.41 26.69
CA ASN C 18 17.81 21.69 26.66
C ASN C 18 18.28 21.11 25.31
N ASP C 19 17.40 21.06 24.29
CA ASP C 19 17.80 20.52 22.99
C ASP C 19 18.75 21.45 22.28
N GLN C 20 19.61 20.90 21.44
CA GLN C 20 20.46 21.68 20.58
C GLN C 20 20.14 21.47 19.12
N TRP C 21 20.53 22.43 18.31
CA TRP C 21 20.06 22.53 16.91
C TRP C 21 21.07 22.91 15.88
N THR C 22 21.06 22.19 14.79
CA THR C 22 21.99 22.48 13.72
CA THR C 22 22.00 22.39 13.67
C THR C 22 21.30 23.04 12.48
N ILE C 23 21.79 24.17 12.03
CA ILE C 23 21.13 24.88 10.90
C ILE C 23 21.30 24.11 9.58
N LYS C 24 20.22 23.91 8.85
CA LYS C 24 20.26 23.23 7.55
C LYS C 24 20.22 24.22 6.43
N TRP C 25 21.38 24.48 5.82
CA TRP C 25 21.47 25.55 4.80
C TRP C 25 20.75 25.19 3.54
N SER C 26 20.46 23.90 3.34
CA SER C 26 19.76 23.52 2.14
C SER C 26 18.28 24.00 2.08
N ALA C 27 17.73 24.46 3.19
CA ALA C 27 16.34 25.03 3.03
C ALA C 27 16.21 26.25 3.86
N SER C 28 17.35 26.91 4.12
CA SER C 28 17.37 28.17 4.85
C SER C 28 17.84 29.26 3.92
N ASP C 29 17.23 30.44 4.05
CA ASP C 29 17.62 31.50 3.11
C ASP C 29 17.20 32.84 3.74
N GLU C 30 18.10 33.83 3.72
CA GLU C 30 17.81 35.17 4.31
C GLU C 30 17.39 36.12 3.19
N PHE C 31 17.46 35.62 1.92
CA PHE C 31 17.05 36.40 0.71
C PHE C 31 17.88 37.71 0.62
N ASN C 32 19.15 37.55 0.96
CA ASN C 32 20.14 38.68 0.94
C ASN C 32 20.70 39.05 -0.47
N LYS C 33 20.32 38.28 -1.51
CA LYS C 33 20.61 38.65 -2.91
C LYS C 33 19.29 38.69 -3.68
N ASN C 34 19.16 39.59 -4.63
CA ASN C 34 17.85 39.80 -5.28
C ASN C 34 17.52 38.74 -6.34
N ASP C 35 18.51 37.98 -6.75
CA ASP C 35 18.19 36.90 -7.68
C ASP C 35 17.90 35.66 -6.89
N PRO C 36 16.68 35.11 -7.02
CA PRO C 36 16.41 33.85 -6.28
C PRO C 36 17.39 32.69 -6.51
N ASP C 37 17.66 31.93 -5.47
CA ASP C 37 18.65 30.87 -5.53
C ASP C 37 17.89 29.64 -6.04
N TRP C 38 17.86 29.50 -7.35
CA TRP C 38 17.22 28.32 -8.01
C TRP C 38 18.00 27.01 -7.90
N ALA C 39 19.21 27.04 -7.32
CA ALA C 39 19.91 25.75 -7.02
C ALA C 39 19.24 25.14 -5.78
N LYS C 40 18.71 26.02 -4.91
CA LYS C 40 18.13 25.62 -3.62
C LYS C 40 16.61 25.44 -3.73
N TRP C 41 15.96 26.31 -4.50
CA TRP C 41 14.50 26.35 -4.64
C TRP C 41 14.12 25.94 -6.02
N ILE C 42 13.01 25.18 -6.13
CA ILE C 42 12.60 24.58 -7.40
C ILE C 42 11.92 25.60 -8.31
N LYS C 43 12.63 26.05 -9.35
CA LYS C 43 12.09 27.08 -10.20
C LYS C 43 10.81 26.62 -10.89
N THR C 44 10.87 25.42 -11.53
CA THR C 44 9.75 24.87 -12.34
C THR C 44 9.74 23.33 -12.24
N GLY C 45 8.62 22.73 -12.59
CA GLY C 45 8.55 21.28 -12.82
C GLY C 45 7.85 20.58 -11.66
N ASN C 46 8.64 20.24 -10.67
CA ASN C 46 8.20 19.48 -9.55
C ASN C 46 7.43 20.32 -8.47
N LEU C 47 6.38 21.07 -8.86
CA LEU C 47 5.66 22.02 -7.96
C LEU C 47 4.28 21.44 -7.66
N PRO C 48 3.59 21.92 -6.59
CA PRO C 48 2.26 21.41 -6.22
C PRO C 48 1.28 21.45 -7.36
N ASN C 49 0.49 20.38 -7.52
CA ASN C 49 -0.69 20.44 -8.41
C ASN C 49 -1.63 21.41 -7.79
N THR C 50 -2.22 22.21 -8.63
CA THR C 50 -3.19 23.16 -8.18
C THR C 50 -4.10 23.04 -9.35
N SER C 51 -5.37 22.81 -9.06
CA SER C 51 -6.35 22.79 -10.12
C SER C 51 -6.86 24.22 -10.35
N ALA C 52 -6.64 25.13 -9.42
CA ALA C 52 -7.21 26.47 -9.57
C ALA C 52 -6.26 27.64 -10.00
N TRP C 53 -4.96 27.40 -10.11
CA TRP C 53 -4.07 28.45 -10.65
C TRP C 53 -2.80 27.78 -11.08
N LYS C 54 -1.91 28.50 -11.71
CA LYS C 54 -0.65 27.90 -12.09
C LYS C 54 0.46 28.70 -11.43
N TRP C 55 1.66 28.10 -11.38
CA TRP C 55 2.85 28.76 -10.83
C TRP C 55 3.64 29.37 -11.95
N ASN C 56 4.18 30.55 -11.69
CA ASN C 56 5.11 31.17 -12.66
C ASN C 56 6.11 31.95 -11.83
N ASN C 57 7.15 31.25 -11.40
CA ASN C 57 8.17 31.82 -10.54
C ASN C 57 9.01 32.88 -11.23
N GLN C 58 9.23 32.79 -12.54
CA GLN C 58 9.87 33.87 -13.25
C GLN C 58 9.13 35.20 -13.07
N LYS C 59 7.81 35.17 -13.09
CA LYS C 59 7.07 36.38 -13.08
C LYS C 59 6.68 36.79 -11.67
N ASN C 60 6.53 35.80 -10.77
CA ASN C 60 5.79 36.06 -9.49
C ASN C 60 6.62 35.88 -8.25
N VAL C 61 7.92 35.65 -8.40
CA VAL C 61 8.86 35.65 -7.29
C VAL C 61 9.84 36.81 -7.54
N LYS C 62 9.96 37.70 -6.59
CA LYS C 62 10.93 38.77 -6.72
C LYS C 62 11.60 38.94 -5.33
N ILE C 63 12.83 39.48 -5.30
CA ILE C 63 13.44 39.74 -4.00
C ILE C 63 13.97 41.19 -4.10
N SER C 64 13.81 41.92 -3.01
CA SER C 64 14.35 43.24 -2.91
C SER C 64 14.75 43.56 -1.47
N ASN C 65 15.97 44.09 -1.28
CA ASN C 65 16.41 44.63 0.02
CA ASN C 65 16.36 44.64 0.01
C ASN C 65 16.16 43.62 1.15
N GLY C 66 16.42 42.34 0.88
CA GLY C 66 16.38 41.32 1.96
C GLY C 66 15.01 40.63 2.16
N ILE C 67 14.05 41.01 1.33
CA ILE C 67 12.63 40.56 1.45
CA ILE C 67 12.67 40.50 1.46
C ILE C 67 12.23 39.84 0.14
N ALA C 68 11.75 38.60 0.24
CA ALA C 68 11.18 37.89 -0.93
C ALA C 68 9.71 38.28 -1.07
N GLU C 69 9.19 38.40 -2.28
CA GLU C 69 7.82 38.81 -2.50
C GLU C 69 7.24 37.75 -3.45
N LEU C 70 6.14 37.11 -3.05
CA LEU C 70 5.46 36.10 -3.86
CA LEU C 70 5.44 36.10 -3.86
C LEU C 70 4.12 36.71 -4.20
N THR C 71 3.82 36.75 -5.50
CA THR C 71 2.67 37.56 -6.02
C THR C 71 1.64 36.71 -6.72
N MET C 72 0.37 37.00 -6.49
CA MET C 72 -0.70 36.38 -7.19
C MET C 72 -1.15 37.43 -8.28
N ARG C 73 -1.19 36.99 -9.53
CA ARG C 73 -1.48 37.88 -10.66
C ARG C 73 -2.64 37.31 -11.43
N HIS C 74 -3.49 38.19 -11.93
CA HIS C 74 -4.53 37.83 -12.88
C HIS C 74 -3.94 37.65 -14.28
N ASN C 75 -4.28 36.56 -14.99
CA ASN C 75 -3.81 36.35 -16.42
C ASN C 75 -4.15 37.57 -17.30
N ALA C 76 -3.20 38.01 -18.16
CA ALA C 76 -3.41 39.18 -19.03
C ALA C 76 -4.69 38.93 -19.87
N ASN C 77 -5.57 39.95 -19.92
CA ASN C 77 -6.88 39.91 -20.63
C ASN C 77 -7.82 38.79 -20.20
N ASN C 78 -7.61 38.28 -18.99
CA ASN C 78 -8.43 37.20 -18.44
C ASN C 78 -8.43 35.90 -19.27
N THR C 79 -7.34 35.67 -20.00
CA THR C 79 -7.13 34.47 -20.80
C THR C 79 -6.84 33.17 -20.00
N PRO C 80 -7.79 32.20 -20.02
CA PRO C 80 -7.53 30.98 -19.25
C PRO C 80 -6.34 30.19 -19.76
N ASP C 81 -5.65 29.56 -18.82
CA ASP C 81 -4.55 28.64 -19.10
C ASP C 81 -4.86 27.31 -18.41
N GLY C 82 -5.23 26.30 -19.21
CA GLY C 82 -5.61 24.99 -18.71
C GLY C 82 -6.70 25.12 -17.69
N GLY C 83 -7.67 26.01 -17.95
CA GLY C 83 -8.83 26.18 -17.05
C GLY C 83 -8.67 27.20 -15.92
N THR C 84 -7.50 27.86 -15.88
CA THR C 84 -7.18 28.75 -14.74
C THR C 84 -6.91 30.16 -15.19
N TYR C 85 -7.14 31.12 -14.29
CA TYR C 85 -7.15 32.56 -14.63
C TYR C 85 -6.09 33.41 -13.84
N PHE C 86 -5.31 32.73 -13.01
CA PHE C 86 -4.33 33.40 -12.10
C PHE C 86 -3.04 32.61 -12.15
N THR C 87 -1.91 33.32 -11.89
CA THR C 87 -0.63 32.65 -11.63
C THR C 87 -0.10 33.19 -10.28
N SER C 88 0.70 32.35 -9.63
CA SER C 88 1.27 32.72 -8.35
C SER C 88 2.74 32.29 -8.27
N GLY C 89 3.31 32.41 -7.06
CA GLY C 89 4.73 32.14 -6.88
C GLY C 89 4.92 31.23 -5.68
N ILE C 90 6.06 30.51 -5.66
CA ILE C 90 6.29 29.45 -4.67
C ILE C 90 7.79 29.23 -4.49
N PHE C 91 8.27 29.18 -3.24
CA PHE C 91 9.61 28.62 -2.94
C PHE C 91 9.36 27.19 -2.47
N LYS C 92 9.84 26.20 -3.19
CA LYS C 92 9.72 24.81 -2.67
C LYS C 92 11.14 24.28 -2.60
N SER C 93 11.62 23.81 -1.43
CA SER C 93 13.05 23.31 -1.37
C SER C 93 13.25 22.02 -2.21
N TYR C 94 14.42 21.91 -2.85
CA TYR C 94 14.74 20.61 -3.45
CA TYR C 94 14.83 20.61 -3.44
C TYR C 94 14.94 19.57 -2.35
N GLN C 95 15.61 19.97 -1.25
CA GLN C 95 15.91 19.05 -0.17
C GLN C 95 14.64 18.66 0.62
N LYS C 96 14.55 17.38 0.99
CA LYS C 96 13.49 16.87 1.88
C LYS C 96 13.99 16.66 3.30
N PHE C 97 13.07 16.77 4.24
CA PHE C 97 13.38 16.70 5.66
C PHE C 97 12.29 15.83 6.28
N THR C 98 12.63 15.13 7.35
CA THR C 98 11.56 14.54 8.18
C THR C 98 11.26 15.38 9.49
N TYR C 99 12.11 15.20 10.48
CA TYR C 99 11.95 15.84 11.78
C TYR C 99 12.83 17.09 11.81
N GLY C 100 12.52 18.03 12.70
CA GLY C 100 13.41 19.18 12.80
C GLY C 100 12.63 20.36 13.24
N TYR C 101 13.14 21.56 12.98
CA TYR C 101 12.40 22.73 13.35
C TYR C 101 12.35 23.65 12.10
N PHE C 102 11.18 24.23 11.81
CA PHE C 102 10.99 24.91 10.53
C PHE C 102 10.40 26.28 10.87
N GLU C 103 11.00 27.32 10.30
CA GLU C 103 10.61 28.67 10.76
C GLU C 103 10.66 29.65 9.61
N ALA C 104 9.64 30.52 9.50
CA ALA C 104 9.68 31.57 8.50
C ALA C 104 9.11 32.83 9.05
N LYS C 105 9.60 33.95 8.57
CA LYS C 105 9.15 35.24 8.99
C LYS C 105 8.36 35.85 7.86
N ILE C 106 7.04 36.05 8.05
CA ILE C 106 6.18 36.25 6.92
C ILE C 106 5.19 37.37 7.25
N GLN C 107 4.97 38.20 6.26
CA GLN C 107 3.88 39.19 6.22
C GLN C 107 2.84 38.78 5.20
N GLY C 108 1.55 38.85 5.56
CA GLY C 108 0.47 38.38 4.63
C GLY C 108 0.16 39.45 3.55
N ALA C 109 -0.98 39.29 2.90
CA ALA C 109 -1.33 40.06 1.70
C ALA C 109 -2.36 41.11 1.98
N ASP C 110 -2.14 42.24 1.34
CA ASP C 110 -2.99 43.41 1.54
C ASP C 110 -4.40 43.26 0.99
N ILE C 111 -4.66 42.22 0.19
CA ILE C 111 -6.00 42.01 -0.36
C ILE C 111 -7.01 41.69 0.73
N GLY C 112 -6.52 41.17 1.85
CA GLY C 112 -7.40 40.90 2.97
C GLY C 112 -7.89 39.49 2.75
N GLU C 113 -8.95 39.33 1.92
CA GLU C 113 -9.60 38.03 1.61
C GLU C 113 -9.41 37.70 0.08
N GLY C 114 -9.07 36.45 -0.26
CA GLY C 114 -8.99 35.99 -1.61
C GLY C 114 -7.70 35.20 -1.93
N VAL C 115 -6.71 35.26 -1.04
CA VAL C 115 -5.45 34.51 -1.27
C VAL C 115 -5.06 33.89 0.10
N CYS C 116 -4.08 32.98 0.08
CA CYS C 116 -3.71 32.29 1.30
C CYS C 116 -2.17 32.24 1.37
N PRO C 117 -1.55 33.17 2.12
CA PRO C 117 -0.06 33.07 2.36
C PRO C 117 0.17 31.82 3.20
N SER C 118 1.09 30.92 2.83
CA SER C 118 1.22 29.66 3.57
CA SER C 118 1.22 29.70 3.58
C SER C 118 2.69 29.27 3.70
N PHE C 119 2.98 28.61 4.79
CA PHE C 119 4.31 28.00 4.98
C PHE C 119 4.00 26.54 5.37
N TRP C 120 4.54 25.59 4.64
CA TRP C 120 4.03 24.24 4.77
C TRP C 120 5.05 23.21 4.28
N LEU C 121 4.87 21.97 4.72
CA LEU C 121 5.83 20.90 4.35
C LEU C 121 5.04 19.81 3.71
N TYR C 122 5.49 19.18 2.62
CA TYR C 122 4.68 18.12 2.09
C TYR C 122 5.50 17.12 1.33
N SER C 123 5.03 15.89 1.30
CA SER C 123 5.80 14.80 0.64
C SER C 123 5.26 14.50 -0.74
N ASP C 124 6.00 13.68 -1.48
CA ASP C 124 5.37 13.06 -2.65
CA ASP C 124 5.46 12.96 -2.64
C ASP C 124 4.21 12.10 -2.25
N PHE C 125 3.39 11.71 -3.23
CA PHE C 125 2.36 10.69 -3.00
C PHE C 125 2.91 9.33 -3.41
N ASP C 126 2.69 8.33 -2.57
CA ASP C 126 3.05 6.98 -3.05
C ASP C 126 1.95 6.01 -2.67
N TYR C 127 1.05 5.79 -3.64
CA TYR C 127 -0.06 4.86 -3.49
C TYR C 127 0.28 3.36 -3.51
N SER C 128 1.55 3.03 -3.61
CA SER C 128 2.05 1.69 -3.68
C SER C 128 2.55 1.12 -2.29
N VAL C 129 2.41 1.88 -1.20
CA VAL C 129 2.82 1.46 0.12
C VAL C 129 1.78 0.40 0.54
N ALA C 130 2.09 -0.35 1.59
CA ALA C 130 1.27 -1.48 2.03
C ALA C 130 0.07 -0.98 2.81
N ASN C 131 -0.88 -1.87 3.10
CA ASN C 131 -2.11 -1.45 3.84
C ASN C 131 -1.72 -0.82 5.15
N GLY C 132 -2.46 0.25 5.48
CA GLY C 132 -2.27 0.99 6.73
C GLY C 132 -1.10 1.98 6.71
N GLU C 133 -0.22 1.94 5.69
CA GLU C 133 0.92 2.81 5.67
C GLU C 133 0.54 4.15 5.07
N THR C 134 1.37 5.16 5.33
CA THR C 134 1.09 6.54 4.84
C THR C 134 1.54 6.75 3.40
N VAL C 135 0.60 7.24 2.61
CA VAL C 135 0.75 7.55 1.16
C VAL C 135 1.32 8.98 1.02
N TYR C 136 0.89 9.89 1.90
CA TYR C 136 1.22 11.32 1.74
C TYR C 136 1.15 11.96 3.08
N SER C 137 2.09 12.87 3.36
CA SER C 137 2.14 13.59 4.65
C SER C 137 2.23 15.10 4.31
N GLU C 138 1.48 15.93 5.06
CA GLU C 138 1.60 17.37 4.91
C GLU C 138 1.39 18.03 6.25
N ILE C 139 2.26 18.95 6.58
CA ILE C 139 2.15 19.75 7.80
C ILE C 139 2.07 21.19 7.34
N ASP C 140 0.97 21.87 7.67
CA ASP C 140 0.91 23.32 7.37
C ASP C 140 1.37 24.08 8.57
N VAL C 141 2.52 24.75 8.40
CA VAL C 141 3.02 25.51 9.55
C VAL C 141 2.07 26.68 9.77
N VAL C 142 1.60 27.34 8.69
CA VAL C 142 0.49 28.29 8.88
C VAL C 142 -0.14 28.49 7.55
N GLU C 143 -1.44 28.71 7.60
CA GLU C 143 -2.19 29.22 6.43
C GLU C 143 -2.86 30.52 6.92
N LEU C 144 -2.48 31.65 6.33
CA LEU C 144 -3.05 32.95 6.75
C LEU C 144 -4.20 33.39 5.82
N GLN C 145 -5.12 34.17 6.38
CA GLN C 145 -6.12 34.87 5.59
CA GLN C 145 -6.22 34.85 5.69
C GLN C 145 -7.02 34.01 4.73
N GLN C 146 -7.30 32.76 5.10
CA GLN C 146 -8.08 32.00 4.11
C GLN C 146 -9.59 32.06 4.37
N PHE C 147 -9.96 32.68 5.50
CA PHE C 147 -11.38 32.93 5.86
C PHE C 147 -12.14 31.63 5.76
N ASP C 148 -11.59 30.61 6.34
CA ASP C 148 -12.22 29.29 6.33
C ASP C 148 -13.59 29.36 7.06
N TRP C 149 -14.46 28.41 6.72
CA TRP C 149 -15.74 28.30 7.40
C TRP C 149 -15.72 26.93 8.02
N TYR C 150 -16.03 26.79 9.30
CA TYR C 150 -15.97 25.48 9.93
C TYR C 150 -17.06 25.41 10.98
N GLU C 151 -17.91 24.40 10.89
CA GLU C 151 -18.89 24.18 11.93
C GLU C 151 -19.64 25.41 12.32
N GLY C 152 -20.05 26.21 11.35
CA GLY C 152 -20.91 27.30 11.68
C GLY C 152 -20.20 28.58 11.97
N HIS C 153 -18.87 28.54 12.04
CA HIS C 153 -18.06 29.75 12.35
C HIS C 153 -17.30 30.20 11.12
N GLN C 154 -17.60 31.44 10.70
CA GLN C 154 -16.93 32.10 9.63
C GLN C 154 -15.65 32.84 10.15
N ASP C 155 -14.48 32.40 9.66
CA ASP C 155 -13.24 33.06 10.08
C ASP C 155 -13.10 34.41 9.42
N ASP C 156 -12.27 35.28 10.05
CA ASP C 156 -11.92 36.56 9.42
C ASP C 156 -10.41 36.77 9.23
N ILE C 157 -9.98 38.00 8.89
CA ILE C 157 -8.55 38.20 8.66
C ILE C 157 -7.66 37.85 9.89
N TYR C 158 -8.16 37.83 11.11
CA TYR C 158 -7.31 37.58 12.31
C TYR C 158 -7.13 36.09 12.65
N ASP C 159 -7.89 35.25 11.94
CA ASP C 159 -7.90 33.83 12.18
C ASP C 159 -6.86 33.12 11.27
N MET C 160 -6.16 32.15 11.82
CA MET C 160 -5.24 31.35 10.92
C MET C 160 -5.36 29.89 11.22
N ASP C 161 -4.87 29.07 10.27
CA ASP C 161 -5.12 27.65 10.38
C ASP C 161 -3.72 27.04 10.35
N LEU C 162 -3.58 25.97 11.07
CA LEU C 162 -2.25 25.32 11.19
C LEU C 162 -2.46 23.81 11.17
N ASN C 163 -2.85 23.31 10.00
CA ASN C 163 -3.47 21.99 9.94
C ASN C 163 -2.53 20.92 9.50
N LEU C 164 -2.91 19.68 9.81
CA LEU C 164 -2.21 18.53 9.21
C LEU C 164 -3.07 17.77 8.20
N HIS C 165 -2.46 17.21 7.13
CA HIS C 165 -3.25 16.48 6.12
C HIS C 165 -2.46 15.21 5.89
N ALA C 166 -3.16 14.13 5.61
CA ALA C 166 -2.44 12.88 5.22
C ALA C 166 -3.28 12.08 4.25
N VAL C 167 -2.64 11.15 3.55
CA VAL C 167 -3.42 10.09 2.82
C VAL C 167 -2.90 8.75 3.36
N VAL C 168 -3.83 7.87 3.77
CA VAL C 168 -3.40 6.57 4.33
CA VAL C 168 -3.46 6.52 4.37
C VAL C 168 -4.02 5.41 3.49
N LYS C 169 -3.22 4.37 3.28
CA LYS C 169 -3.67 3.29 2.42
C LYS C 169 -4.66 2.45 3.18
N GLU C 170 -5.87 2.32 2.61
CA GLU C 170 -6.96 1.44 3.22
C GLU C 170 -7.71 0.67 2.15
N ASN C 171 -7.55 -0.67 2.17
CA ASN C 171 -8.15 -1.59 1.20
C ASN C 171 -8.00 -1.05 -0.20
N GLY C 172 -6.72 -0.85 -0.58
CA GLY C 172 -6.39 -0.52 -1.94
C GLY C 172 -6.57 0.92 -2.34
N GLN C 173 -7.18 1.72 -1.45
CA GLN C 173 -7.41 3.12 -1.81
C GLN C 173 -6.50 3.94 -0.87
N GLY C 174 -5.99 5.05 -1.40
CA GLY C 174 -5.43 6.00 -0.43
C GLY C 174 -6.60 6.84 0.03
N VAL C 175 -6.88 6.84 1.31
CA VAL C 175 -8.01 7.54 1.84
C VAL C 175 -7.48 8.85 2.43
N TRP C 176 -8.04 9.94 1.96
CA TRP C 176 -7.65 11.26 2.52
C TRP C 176 -8.06 11.42 3.94
N LYS C 177 -7.13 11.94 4.77
CA LYS C 177 -7.40 12.31 6.17
C LYS C 177 -7.28 13.84 6.19
N ARG C 178 -8.44 14.51 6.16
CA ARG C 178 -8.53 15.98 6.07
CA ARG C 178 -8.50 15.99 6.08
C ARG C 178 -8.76 16.55 7.47
N PRO C 179 -8.25 17.77 7.73
CA PRO C 179 -8.35 18.32 9.06
C PRO C 179 -9.81 18.41 9.57
N LYS C 180 -10.77 18.75 8.69
CA LYS C 180 -12.14 18.94 9.23
CA LYS C 180 -12.16 18.93 9.15
C LYS C 180 -12.85 17.62 9.45
N MET C 181 -12.27 16.53 8.95
N MET C 181 -12.29 16.51 8.96
CA MET C 181 -12.81 15.19 9.14
CA MET C 181 -12.84 15.20 9.20
C MET C 181 -12.16 14.51 10.36
C MET C 181 -12.19 14.55 10.42
N TYR C 182 -10.97 14.97 10.73
CA TYR C 182 -10.23 14.47 11.87
C TYR C 182 -9.71 15.63 12.71
N PRO C 183 -10.65 16.44 13.23
CA PRO C 183 -10.19 17.67 13.84
C PRO C 183 -9.38 17.52 15.17
N GLN C 184 -9.77 16.57 16.02
CA GLN C 184 -8.98 16.35 17.24
C GLN C 184 -7.50 16.04 16.92
N GLU C 185 -7.31 15.30 15.85
CA GLU C 185 -6.01 14.82 15.49
C GLU C 185 -5.27 15.80 14.57
N GLN C 186 -5.99 16.64 13.80
CA GLN C 186 -5.38 17.32 12.64
C GLN C 186 -5.75 18.79 12.43
N LEU C 187 -6.78 19.26 13.10
CA LEU C 187 -7.19 20.66 12.92
C LEU C 187 -6.65 21.57 14.01
N ASN C 188 -6.03 22.69 13.61
CA ASN C 188 -5.69 23.75 14.55
C ASN C 188 -6.13 25.12 14.04
N LYS C 189 -6.70 25.94 14.93
CA LYS C 189 -7.05 27.31 14.60
C LYS C 189 -6.49 28.21 15.65
N TRP C 190 -6.07 29.39 15.26
CA TRP C 190 -5.68 30.38 16.27
C TRP C 190 -6.04 31.75 15.79
N ARG C 191 -6.48 32.61 16.72
CA ARG C 191 -6.91 33.97 16.40
C ARG C 191 -5.83 34.90 16.94
N ALA C 192 -5.25 35.73 16.06
CA ALA C 192 -4.23 36.69 16.46
C ALA C 192 -4.89 37.94 16.98
N PRO C 193 -4.10 38.72 17.72
CA PRO C 193 -4.64 40.01 18.18
C PRO C 193 -4.29 41.11 17.18
N TRP C 194 -3.54 40.72 16.13
CA TRP C 194 -3.06 41.69 15.08
C TRP C 194 -3.42 41.16 13.69
N ASP C 195 -3.43 42.07 12.69
CA ASP C 195 -3.77 41.73 11.32
C ASP C 195 -2.49 41.14 10.74
N PRO C 196 -2.52 39.86 10.30
CA PRO C 196 -1.25 39.30 9.82
C PRO C 196 -0.75 39.95 8.54
N SER C 197 -1.53 40.76 7.83
CA SER C 197 -1.02 41.35 6.62
C SER C 197 -0.24 42.65 6.91
N LYS C 198 -0.18 43.07 8.18
CA LYS C 198 0.40 44.44 8.53
C LYS C 198 1.85 44.41 8.98
N ASP C 199 2.35 43.19 9.22
CA ASP C 199 3.69 43.04 9.82
C ASP C 199 4.19 41.64 9.52
N PHE C 200 5.49 41.48 9.63
CA PHE C 200 6.11 40.14 9.66
C PHE C 200 5.85 39.52 11.03
N HIS C 201 5.46 38.23 11.03
CA HIS C 201 5.48 37.46 12.30
C HIS C 201 6.23 36.18 12.09
N ILE C 202 6.59 35.49 13.19
N ILE C 202 6.67 35.53 13.18
CA ILE C 202 7.47 34.34 13.11
CA ILE C 202 7.49 34.33 13.05
C ILE C 202 6.64 33.03 13.27
C ILE C 202 6.56 33.11 13.21
N TYR C 203 6.61 32.22 12.22
CA TYR C 203 5.75 31.01 12.22
C TYR C 203 6.68 29.85 12.26
N GLY C 204 6.57 29.03 13.34
CA GLY C 204 7.57 28.00 13.54
C GLY C 204 6.84 26.68 13.87
N CYS C 205 7.49 25.60 13.51
CA CYS C 205 6.96 24.22 13.80
C CYS C 205 8.09 23.30 14.17
N GLU C 206 7.88 22.57 15.26
CA GLU C 206 8.85 21.59 15.77
C GLU C 206 8.23 20.23 15.49
N VAL C 207 8.93 19.40 14.72
CA VAL C 207 8.39 18.09 14.26
C VAL C 207 9.36 17.03 14.74
N ASN C 208 8.86 16.14 15.58
CA ASN C 208 9.65 14.96 15.96
C ASN C 208 8.82 13.65 15.81
N GLN C 209 9.37 12.49 16.21
CA GLN C 209 8.65 11.25 15.92
C GLN C 209 7.44 11.11 16.77
N ASN C 210 7.35 11.91 17.83
CA ASN C 210 6.20 11.82 18.73
C ASN C 210 5.10 12.86 18.61
N GLU C 211 5.52 14.10 18.45
CA GLU C 211 4.61 15.24 18.41
C GLU C 211 5.02 16.26 17.32
N ILE C 212 4.03 17.09 16.98
CA ILE C 212 4.21 18.29 16.13
C ILE C 212 3.74 19.46 16.98
N ILE C 213 4.55 20.54 17.06
CA ILE C 213 4.18 21.66 17.95
C ILE C 213 4.33 22.93 17.13
N TRP C 214 3.34 23.81 17.18
CA TRP C 214 3.39 25.05 16.36
C TRP C 214 3.54 26.23 17.26
N TYR C 215 4.23 27.24 16.73
CA TYR C 215 4.54 28.47 17.43
C TYR C 215 4.26 29.67 16.53
N VAL C 216 3.77 30.75 17.15
CA VAL C 216 3.59 32.05 16.48
C VAL C 216 4.29 33.05 17.39
N ASP C 217 5.25 33.83 16.83
CA ASP C 217 6.04 34.78 17.63
C ASP C 217 6.54 34.18 18.92
N GLY C 218 7.03 32.96 18.85
CA GLY C 218 7.73 32.33 19.94
C GLY C 218 6.82 31.78 21.01
N VAL C 219 5.52 31.72 20.76
CA VAL C 219 4.57 31.18 21.76
C VAL C 219 3.94 29.93 21.19
N GLU C 220 3.96 28.81 21.94
CA GLU C 220 3.30 27.56 21.43
C GLU C 220 1.84 27.84 21.30
N VAL C 221 1.24 27.57 20.13
CA VAL C 221 -0.23 27.78 19.92
C VAL C 221 -0.97 26.47 19.67
N ALA C 222 -0.24 25.39 19.41
CA ALA C 222 -0.93 24.07 19.16
C ALA C 222 0.04 22.91 19.24
N ARG C 223 -0.47 21.69 19.42
CA ARG C 223 0.39 20.54 19.53
C ARG C 223 -0.49 19.31 19.11
N LYS C 224 0.04 18.41 18.29
CA LYS C 224 -0.68 17.16 17.92
C LYS C 224 0.27 15.99 17.97
N PRO C 225 -0.27 14.82 18.30
CA PRO C 225 0.58 13.65 18.14
C PRO C 225 1.00 13.35 16.68
N ASN C 226 2.23 12.89 16.49
CA ASN C 226 2.69 12.63 15.14
C ASN C 226 2.37 11.20 14.66
N LYS C 227 1.17 11.02 14.14
CA LYS C 227 0.70 9.71 13.68
C LYS C 227 1.17 9.36 12.25
N TYR C 228 1.03 10.36 11.35
CA TYR C 228 1.13 10.10 9.89
C TYR C 228 2.16 10.99 9.20
N TRP C 229 3.02 11.66 9.97
CA TRP C 229 3.88 12.71 9.38
C TRP C 229 5.32 12.31 9.54
N HIS C 230 5.64 11.10 9.01
CA HIS C 230 6.98 10.50 9.11
C HIS C 230 7.67 10.43 7.75
N ARG C 231 7.00 10.91 6.70
CA ARG C 231 7.53 10.83 5.32
C ARG C 231 8.47 12.06 5.10
N PRO C 232 9.48 11.91 4.23
CA PRO C 232 10.32 13.10 3.86
C PRO C 232 9.43 14.17 3.18
N MET C 233 9.60 15.42 3.63
CA MET C 233 8.76 16.51 3.11
C MET C 233 9.63 17.68 2.59
N ASN C 234 9.19 18.28 1.50
CA ASN C 234 9.81 19.52 1.01
C ASN C 234 9.32 20.75 1.75
N VAL C 235 10.19 21.75 1.92
CA VAL C 235 9.85 22.97 2.70
C VAL C 235 9.32 23.99 1.69
N THR C 236 8.14 24.55 1.99
CA THR C 236 7.35 25.30 0.97
C THR C 236 6.82 26.64 1.55
N LEU C 237 7.04 27.72 0.80
CA LEU C 237 6.34 29.00 1.02
C LEU C 237 5.58 29.28 -0.22
N SER C 238 4.24 29.55 -0.14
CA SER C 238 3.53 29.76 -1.41
C SER C 238 2.30 30.62 -1.12
N LEU C 239 1.77 31.22 -2.16
CA LEU C 239 0.63 32.16 -1.98
C LEU C 239 -0.47 31.47 -2.81
N GLY C 240 -1.50 30.94 -2.08
CA GLY C 240 -2.59 30.19 -2.76
C GLY C 240 -3.80 31.06 -3.11
N LEU C 241 -4.65 30.55 -3.96
CA LEU C 241 -5.85 31.29 -4.38
C LEU C 241 -7.05 30.80 -3.55
N ARG C 242 -8.00 31.67 -3.21
CA ARG C 242 -9.16 31.29 -2.33
C ARG C 242 -10.42 31.99 -2.83
N LYS C 243 -11.54 31.64 -2.21
CA LYS C 243 -12.80 32.34 -2.48
C LYS C 243 -12.53 33.84 -2.34
N PRO C 244 -13.08 34.74 -3.22
CA PRO C 244 -14.12 34.45 -4.20
C PRO C 244 -13.60 33.94 -5.56
N PHE C 245 -12.31 33.60 -5.67
CA PHE C 245 -11.73 33.23 -6.97
C PHE C 245 -11.78 31.71 -7.28
N VAL C 246 -12.29 30.96 -6.33
CA VAL C 246 -12.37 29.49 -6.45
C VAL C 246 -13.70 29.02 -5.85
N LYS C 247 -14.21 27.90 -6.35
CA LYS C 247 -15.44 27.32 -5.81
C LYS C 247 -15.14 25.85 -5.50
N PHE C 248 -15.51 25.44 -4.29
CA PHE C 248 -15.29 24.07 -3.79
C PHE C 248 -16.41 23.11 -4.25
N PHE C 249 -15.98 22.07 -4.96
CA PHE C 249 -16.74 20.85 -5.20
C PHE C 249 -15.79 19.66 -5.49
N ASP C 250 -16.32 18.43 -5.39
CA ASP C 250 -15.55 17.22 -5.60
CA ASP C 250 -15.54 17.21 -5.62
C ASP C 250 -14.22 17.24 -4.82
N ASN C 251 -14.30 17.73 -3.58
CA ASN C 251 -13.18 17.81 -2.65
C ASN C 251 -11.93 18.61 -3.09
N LYS C 252 -12.12 19.53 -4.05
CA LYS C 252 -11.05 20.46 -4.40
C LYS C 252 -11.55 21.88 -4.75
N ASN C 253 -10.58 22.78 -4.76
CA ASN C 253 -10.68 24.13 -5.31
C ASN C 253 -10.74 24.11 -6.83
N ASN C 254 -11.83 24.62 -7.38
CA ASN C 254 -11.95 24.76 -8.85
C ASN C 254 -11.99 26.21 -9.17
N ALA C 255 -11.30 26.57 -10.26
CA ALA C 255 -11.14 27.97 -10.71
C ALA C 255 -12.43 28.54 -11.25
N ILE C 256 -12.73 29.78 -10.85
CA ILE C 256 -13.92 30.54 -11.26
C ILE C 256 -13.40 31.58 -12.30
N ASN C 257 -14.13 31.79 -13.40
CA ASN C 257 -13.74 32.86 -14.30
C ASN C 257 -14.00 34.17 -13.56
N PRO C 258 -12.92 34.88 -13.18
CA PRO C 258 -13.18 35.98 -12.28
C PRO C 258 -14.00 37.07 -12.87
N GLU C 259 -14.10 37.09 -14.20
CA GLU C 259 -14.79 38.17 -14.87
C GLU C 259 -16.22 37.83 -15.06
N THR C 260 -16.65 36.66 -14.62
CA THR C 260 -18.08 36.35 -14.75
C THR C 260 -18.89 36.15 -13.42
N ASP C 261 -18.37 36.70 -12.31
CA ASP C 261 -18.89 36.51 -10.93
C ASP C 261 -18.79 37.83 -10.20
N ALA C 262 -19.88 38.34 -9.56
CA ALA C 262 -19.86 39.74 -9.03
C ALA C 262 -18.78 39.93 -7.96
N LYS C 263 -18.68 38.99 -7.01
CA LYS C 263 -17.67 39.15 -5.95
C LYS C 263 -16.22 39.06 -6.45
N ALA C 264 -15.98 38.13 -7.36
CA ALA C 264 -14.61 37.95 -7.87
C ALA C 264 -14.29 39.18 -8.73
N ARG C 265 -15.29 39.72 -9.43
CA ARG C 265 -15.03 40.87 -10.25
C ARG C 265 -14.65 42.07 -9.46
N GLU C 266 -15.30 42.34 -8.33
CA GLU C 266 -14.86 43.51 -7.60
C GLU C 266 -13.56 43.33 -6.90
N LYS C 267 -13.28 42.11 -6.48
CA LYS C 267 -11.96 41.81 -5.86
C LYS C 267 -10.75 41.96 -6.77
N LEU C 268 -10.97 41.89 -8.08
CA LEU C 268 -9.88 42.08 -9.04
C LEU C 268 -9.21 43.42 -8.91
N SER C 269 -9.94 44.44 -8.43
CA SER C 269 -9.35 45.74 -8.15
C SER C 269 -8.15 45.61 -7.14
N ASP C 270 -8.08 44.52 -6.38
CA ASP C 270 -7.01 44.36 -5.37
C ASP C 270 -6.02 43.36 -5.77
N ILE C 271 -6.08 42.94 -7.03
CA ILE C 271 -5.09 42.00 -7.59
CA ILE C 271 -5.08 42.02 -7.57
C ILE C 271 -4.25 42.84 -8.56
N PRO C 272 -2.92 42.66 -8.60
CA PRO C 272 -2.11 41.67 -7.86
C PRO C 272 -1.97 42.02 -6.41
N THR C 273 -1.67 40.97 -5.64
CA THR C 273 -1.40 41.14 -4.22
C THR C 273 -0.22 40.22 -3.87
N SER C 274 0.50 40.51 -2.78
CA SER C 274 1.73 39.77 -2.49
C SER C 274 1.81 39.38 -1.03
N MET C 275 2.44 38.24 -0.78
CA MET C 275 3.00 38.00 0.60
C MET C 275 4.50 38.25 0.60
N TYR C 276 5.03 38.50 1.76
CA TYR C 276 6.45 38.91 1.90
C TYR C 276 7.13 37.98 2.90
N VAL C 277 8.34 37.58 2.61
CA VAL C 277 9.04 36.67 3.53
C VAL C 277 10.49 37.24 3.77
N ASP C 278 10.82 37.50 5.01
CA ASP C 278 12.14 38.03 5.32
C ASP C 278 13.12 36.91 5.37
N TYR C 279 12.71 35.75 5.95
CA TYR C 279 13.67 34.58 5.93
C TYR C 279 12.88 33.30 6.12
N VAL C 280 13.58 32.23 5.75
CA VAL C 280 13.14 30.86 6.08
C VAL C 280 14.39 30.18 6.61
N ARG C 281 14.21 29.46 7.70
CA ARG C 281 15.30 28.77 8.42
C ARG C 281 14.79 27.39 8.77
N VAL C 282 15.67 26.39 8.58
CA VAL C 282 15.34 25.02 8.94
C VAL C 282 16.50 24.43 9.81
N TRP C 283 16.16 23.73 10.87
CA TRP C 283 17.19 23.11 11.72
C TRP C 283 16.87 21.66 11.85
N GLU C 284 17.93 20.95 12.23
CA GLU C 284 17.76 19.59 12.67
CA GLU C 284 17.98 19.52 12.55
C GLU C 284 18.29 19.47 14.07
N LYS C 285 17.61 18.60 14.83
CA LYS C 285 17.95 18.46 16.23
C LYS C 285 19.28 17.75 16.27
N SER C 286 20.20 18.25 17.07
CA SER C 286 21.56 17.71 17.07
C SER C 286 21.64 16.48 17.93
N GLN D 9 28.10 -10.27 46.37
CA GLN D 9 26.68 -10.00 46.66
C GLN D 9 25.96 -11.30 47.10
N GLN D 10 25.02 -11.18 48.02
CA GLN D 10 24.36 -12.37 48.63
C GLN D 10 22.86 -12.26 48.56
N PRO D 11 22.14 -13.40 48.63
CA PRO D 11 20.66 -13.29 48.71
C PRO D 11 20.19 -12.30 49.80
N THR D 12 19.15 -11.50 49.52
CA THR D 12 18.65 -10.49 50.48
C THR D 12 18.14 -11.08 51.81
N LYS D 13 17.42 -12.19 51.68
CA LYS D 13 16.89 -12.91 52.80
C LYS D 13 16.72 -14.37 52.41
N THR D 14 17.16 -15.30 53.26
CA THR D 14 16.93 -16.74 53.02
C THR D 14 16.31 -17.42 54.26
N SER D 15 15.86 -18.67 54.13
CA SER D 15 15.13 -19.30 55.19
C SER D 15 16.07 -19.83 56.24
N ASN D 16 17.29 -20.14 55.85
CA ASN D 16 18.24 -20.65 56.80
C ASN D 16 19.50 -19.84 56.70
N PRO D 17 19.72 -18.96 57.70
CA PRO D 17 20.91 -18.07 57.60
C PRO D 17 22.28 -18.80 57.57
N ASN D 18 22.30 -20.10 57.91
CA ASN D 18 23.53 -20.94 57.85
C ASN D 18 23.90 -21.32 56.42
N ASP D 19 22.93 -21.35 55.50
CA ASP D 19 23.25 -21.73 54.11
C ASP D 19 24.27 -20.78 53.47
N GLN D 20 25.25 -21.33 52.74
CA GLN D 20 26.15 -20.48 51.94
C GLN D 20 25.73 -20.51 50.44
N TRP D 21 26.11 -19.47 49.71
CA TRP D 21 25.59 -19.27 48.39
C TRP D 21 26.70 -18.81 47.51
N THR D 22 26.78 -19.41 46.34
CA THR D 22 27.72 -19.06 45.31
C THR D 22 27.00 -18.33 44.15
N ILE D 23 27.49 -17.13 43.76
CA ILE D 23 26.83 -16.47 42.63
C ILE D 23 27.10 -17.20 41.32
N LYS D 24 26.11 -17.24 40.45
CA LYS D 24 26.21 -17.94 39.18
C LYS D 24 26.20 -16.87 38.12
N TRP D 25 27.38 -16.52 37.62
CA TRP D 25 27.46 -15.50 36.64
C TRP D 25 26.68 -15.72 35.38
N SER D 26 26.44 -17.01 34.98
CA SER D 26 25.62 -17.28 33.78
C SER D 26 24.17 -16.76 33.82
N ALA D 27 23.67 -16.33 34.97
CA ALA D 27 22.37 -15.68 34.97
C ALA D 27 22.34 -14.49 35.90
N SER D 28 23.50 -13.87 36.10
CA SER D 28 23.56 -12.69 36.96
C SER D 28 24.12 -11.57 36.11
N ASP D 29 23.56 -10.37 36.30
CA ASP D 29 24.01 -9.22 35.45
C ASP D 29 23.71 -7.97 36.21
N GLU D 30 24.73 -7.08 36.40
CA GLU D 30 24.45 -5.74 37.03
C GLU D 30 24.14 -4.71 35.96
N PHE D 31 24.22 -5.13 34.68
CA PHE D 31 23.88 -4.29 33.49
C PHE D 31 24.81 -3.07 33.42
N ASN D 32 26.05 -3.24 33.84
CA ASN D 32 26.98 -2.08 33.88
CA ASN D 32 26.94 -2.06 33.87
C ASN D 32 27.53 -1.71 32.49
N LYS D 33 27.41 -2.59 31.49
CA LYS D 33 27.43 -2.02 30.04
C LYS D 33 26.10 -1.78 29.28
N ASN D 34 26.03 -0.84 28.33
CA ASN D 34 24.85 -0.68 27.46
C ASN D 34 24.54 -1.73 26.40
N ASP D 35 25.59 -2.41 25.92
CA ASP D 35 25.39 -3.51 25.01
CA ASP D 35 25.37 -3.50 25.02
C ASP D 35 24.90 -4.68 25.90
N PRO D 36 23.66 -5.09 25.69
CA PRO D 36 23.22 -6.36 26.31
C PRO D 36 24.16 -7.47 26.01
N ASP D 37 24.29 -8.41 26.93
CA ASP D 37 25.25 -9.48 26.86
C ASP D 37 24.58 -10.65 26.21
N TRP D 38 24.60 -10.67 24.89
CA TRP D 38 23.91 -11.76 24.14
C TRP D 38 24.61 -13.09 24.21
N ALA D 39 25.82 -13.13 24.79
CA ALA D 39 26.50 -14.44 25.03
C ALA D 39 25.73 -15.12 26.20
N LYS D 40 25.24 -14.31 27.15
CA LYS D 40 24.60 -14.84 28.37
C LYS D 40 23.04 -14.94 28.26
N TRP D 41 22.47 -14.00 27.53
CA TRP D 41 20.99 -13.86 27.33
C TRP D 41 20.62 -14.20 25.91
N ILE D 42 19.50 -14.91 25.75
CA ILE D 42 19.14 -15.41 24.42
C ILE D 42 18.54 -14.30 23.61
N LYS D 43 19.21 -13.85 22.56
CA LYS D 43 18.69 -12.70 21.81
C LYS D 43 17.45 -13.05 20.99
N THR D 44 17.53 -14.17 20.26
CA THR D 44 16.41 -14.62 19.44
C THR D 44 16.34 -16.16 19.46
N GLY D 45 15.21 -16.70 19.07
CA GLY D 45 15.18 -18.13 18.73
C GLY D 45 14.37 -18.76 19.81
N ASN D 46 15.04 -19.12 20.90
CA ASN D 46 14.44 -20.05 21.77
C ASN D 46 13.73 -19.25 22.89
N LEU D 47 12.70 -18.47 22.52
CA LEU D 47 11.98 -17.58 23.49
C LEU D 47 10.55 -18.09 23.71
N PRO D 48 9.90 -17.66 24.79
CA PRO D 48 8.53 -18.16 25.07
C PRO D 48 7.50 -17.94 23.98
N ASN D 49 6.67 -18.96 23.75
CA ASN D 49 5.42 -18.72 23.02
C ASN D 49 4.59 -17.71 23.72
N THR D 50 4.01 -16.83 22.92
CA THR D 50 3.16 -15.81 23.40
C THR D 50 2.21 -15.83 22.22
N SER D 51 0.94 -15.80 22.50
CA SER D 51 0.01 -15.72 21.39
C SER D 51 -0.40 -14.28 21.15
N ALA D 52 -0.04 -13.36 22.05
CA ALA D 52 -0.59 -12.03 21.86
C ALA D 52 0.47 -10.99 21.49
N TRP D 53 1.75 -11.36 21.43
CA TRP D 53 2.80 -10.44 20.98
C TRP D 53 4.03 -11.22 20.52
N LYS D 54 4.99 -10.52 19.98
CA LYS D 54 6.24 -11.12 19.52
C LYS D 54 7.40 -10.45 20.22
N TRP D 55 8.49 -11.16 20.35
CA TRP D 55 9.68 -10.57 20.94
C TRP D 55 10.49 -9.94 19.86
N ASN D 56 11.01 -8.76 20.13
CA ASN D 56 12.05 -8.14 19.32
C ASN D 56 13.10 -7.48 20.23
N ASN D 57 14.06 -8.30 20.63
CA ASN D 57 15.06 -7.81 21.57
C ASN D 57 15.96 -6.73 20.99
N GLN D 58 16.18 -6.76 19.68
CA GLN D 58 16.96 -5.70 18.98
C GLN D 58 16.33 -4.32 19.24
N LYS D 59 15.02 -4.22 19.10
CA LYS D 59 14.39 -2.93 19.27
CA LYS D 59 14.24 -3.00 19.23
C LYS D 59 13.86 -2.70 20.67
N ASN D 60 13.69 -3.76 21.48
CA ASN D 60 12.97 -3.57 22.76
C ASN D 60 13.73 -3.79 24.05
N VAL D 61 15.03 -3.98 23.93
CA VAL D 61 15.93 -4.12 25.11
C VAL D 61 16.99 -3.03 24.96
N LYS D 62 17.03 -2.13 25.93
CA LYS D 62 18.05 -1.12 25.89
C LYS D 62 18.61 -1.03 27.31
N ILE D 63 19.87 -0.70 27.45
CA ILE D 63 20.45 -0.57 28.80
C ILE D 63 21.08 0.82 28.85
N SER D 64 20.88 1.55 29.95
CA SER D 64 21.48 2.85 30.03
C SER D 64 21.70 3.13 31.50
N ASN D 65 22.86 3.65 31.90
CA ASN D 65 23.09 4.01 33.33
C ASN D 65 22.93 2.87 34.34
N GLY D 66 23.28 1.66 33.86
CA GLY D 66 23.28 0.54 34.75
C GLY D 66 21.90 -0.08 34.85
N ILE D 67 20.95 0.39 34.03
CA ILE D 67 19.52 -0.05 34.18
CA ILE D 67 19.58 -0.12 34.17
C ILE D 67 19.08 -0.65 32.87
N ALA D 68 18.68 -1.91 32.90
CA ALA D 68 18.05 -2.52 31.70
C ALA D 68 16.60 -2.06 31.56
N GLU D 69 16.19 -1.77 30.32
CA GLU D 69 14.80 -1.29 30.01
C GLU D 69 14.23 -2.29 28.97
N LEU D 70 13.11 -2.89 29.29
CA LEU D 70 12.42 -3.80 28.39
CA LEU D 70 12.40 -3.82 28.41
C LEU D 70 11.14 -3.08 28.02
N THR D 71 10.89 -2.93 26.68
CA THR D 71 9.76 -2.06 26.29
C THR D 71 8.75 -2.79 25.44
N MET D 72 7.49 -2.52 25.72
CA MET D 72 6.33 -2.96 24.88
C MET D 72 6.01 -1.84 23.87
N ARG D 73 6.03 -2.18 22.60
CA ARG D 73 5.82 -1.21 21.55
CA ARG D 73 5.85 -1.23 21.52
C ARG D 73 4.65 -1.65 20.67
N HIS D 74 3.98 -0.66 20.07
CA HIS D 74 2.83 -0.93 19.15
C HIS D 74 3.41 -0.97 17.76
N ASN D 75 3.16 -2.03 17.02
CA ASN D 75 3.70 -2.16 15.66
C ASN D 75 3.37 -0.94 14.79
N ALA D 76 4.37 -0.46 14.05
CA ALA D 76 4.24 0.74 13.19
C ALA D 76 3.09 0.50 12.26
N ASN D 77 2.26 1.55 12.11
CA ASN D 77 1.10 1.51 11.14
C ASN D 77 0.03 0.53 11.59
N ASN D 78 0.13 0.04 12.84
CA ASN D 78 -0.79 -0.99 13.38
C ASN D 78 -0.80 -2.28 12.50
N THR D 79 0.33 -2.57 11.87
CA THR D 79 0.41 -3.72 10.95
C THR D 79 0.55 -4.95 11.82
N PRO D 80 -0.41 -5.90 11.73
CA PRO D 80 -0.26 -7.20 12.43
C PRO D 80 0.90 -8.03 11.88
N ASP D 81 1.61 -8.78 12.75
CA ASP D 81 2.68 -9.66 12.32
C ASP D 81 2.31 -11.02 12.86
N GLY D 82 1.85 -11.91 12.01
CA GLY D 82 1.42 -13.20 12.54
C GLY D 82 0.31 -13.07 13.55
N GLY D 83 -0.64 -12.17 13.31
CA GLY D 83 -1.80 -12.07 14.21
C GLY D 83 -1.61 -11.15 15.41
N THR D 84 -0.42 -10.57 15.54
CA THR D 84 -0.22 -9.75 16.75
C THR D 84 0.19 -8.36 16.37
N TYR D 85 0.04 -7.43 17.30
CA TYR D 85 0.04 -6.01 17.00
C TYR D 85 1.09 -5.29 17.86
N PHE D 86 1.80 -6.03 18.73
CA PHE D 86 2.84 -5.44 19.65
C PHE D 86 4.09 -6.27 19.63
N THR D 87 5.19 -5.65 20.00
CA THR D 87 6.45 -6.39 20.29
C THR D 87 6.97 -6.02 21.70
N SER D 88 7.71 -6.92 22.25
CA SER D 88 8.24 -6.69 23.62
C SER D 88 9.64 -7.20 23.74
N GLY D 89 10.18 -7.12 24.96
CA GLY D 89 11.60 -7.49 25.23
C GLY D 89 11.70 -8.53 26.33
N ILE D 90 12.81 -9.29 26.32
CA ILE D 90 12.91 -10.38 27.28
C ILE D 90 14.39 -10.71 27.48
N PHE D 91 14.83 -10.88 28.75
CA PHE D 91 16.11 -11.48 29.04
C PHE D 91 15.79 -12.90 29.45
N LYS D 92 16.32 -13.86 28.73
CA LYS D 92 16.13 -15.31 29.09
C LYS D 92 17.51 -15.94 29.11
N SER D 93 17.93 -16.48 30.22
CA SER D 93 19.32 -17.04 30.28
C SER D 93 19.44 -18.29 29.42
N TYR D 94 20.58 -18.43 28.74
CA TYR D 94 20.86 -19.72 28.14
CA TYR D 94 20.94 -19.72 28.11
C TYR D 94 20.98 -20.80 29.17
N GLN D 95 21.60 -20.48 30.30
CA GLN D 95 21.87 -21.51 31.33
C GLN D 95 20.58 -21.85 32.06
N LYS D 96 20.45 -23.14 32.35
CA LYS D 96 19.26 -23.63 33.15
C LYS D 96 19.66 -23.95 34.61
N PHE D 97 18.71 -23.81 35.58
CA PHE D 97 18.99 -24.05 36.97
C PHE D 97 17.75 -24.78 37.56
N THR D 98 17.90 -25.51 38.66
CA THR D 98 16.71 -26.12 39.24
C THR D 98 16.51 -25.40 40.61
N TYR D 99 17.43 -25.70 41.50
CA TYR D 99 17.37 -25.19 42.87
C TYR D 99 18.35 -24.04 43.05
N GLY D 100 18.06 -23.13 43.95
CA GLY D 100 18.99 -22.04 44.24
C GLY D 100 18.21 -20.83 44.67
N TYR D 101 18.79 -19.64 44.46
CA TYR D 101 18.16 -18.42 44.90
C TYR D 101 18.18 -17.47 43.73
N PHE D 102 17.01 -16.81 43.45
CA PHE D 102 16.93 -16.00 42.22
C PHE D 102 16.41 -14.66 42.63
N GLU D 103 17.08 -13.57 42.23
CA GLU D 103 16.60 -12.26 42.75
C GLU D 103 16.72 -11.21 41.68
N ALA D 104 15.74 -10.28 41.58
CA ALA D 104 15.94 -9.18 40.61
C ALA D 104 15.39 -7.92 41.26
N LYS D 105 16.01 -6.79 40.91
CA LYS D 105 15.54 -5.46 41.38
C LYS D 105 14.87 -4.79 40.19
N ILE D 106 13.57 -4.56 40.30
CA ILE D 106 12.67 -4.24 39.20
C ILE D 106 11.80 -3.07 39.60
N GLN D 107 11.64 -2.19 38.65
CA GLN D 107 10.61 -1.18 38.68
C GLN D 107 9.59 -1.43 37.55
N GLY D 108 8.30 -1.22 37.83
CA GLY D 108 7.26 -1.56 36.88
C GLY D 108 7.05 -0.47 35.84
N ALA D 109 5.89 -0.54 35.16
CA ALA D 109 5.63 0.22 33.91
C ALA D 109 4.69 1.38 34.19
N ASP D 110 5.01 2.50 33.58
CA ASP D 110 4.23 3.73 33.85
C ASP D 110 2.81 3.76 33.31
N ILE D 111 2.46 2.79 32.47
CA ILE D 111 1.13 2.69 31.87
C ILE D 111 0.09 2.41 32.97
N GLY D 112 0.52 1.85 34.10
CA GLY D 112 -0.48 1.52 35.12
C GLY D 112 -0.99 0.14 34.77
N GLU D 113 -2.05 0.04 33.96
CA GLU D 113 -2.66 -1.25 33.51
C GLU D 113 -2.41 -1.50 31.98
N GLY D 114 -2.17 -2.76 31.59
CA GLY D 114 -2.00 -3.10 30.18
C GLY D 114 -0.78 -3.94 29.85
N VAL D 115 0.17 -4.01 30.80
CA VAL D 115 1.36 -4.84 30.58
C VAL D 115 1.65 -5.57 31.92
N CYS D 116 2.60 -6.49 31.90
CA CYS D 116 2.88 -7.32 33.07
C CYS D 116 4.45 -7.49 33.19
N PRO D 117 5.12 -6.64 33.94
CA PRO D 117 6.53 -6.87 34.28
C PRO D 117 6.65 -8.15 35.10
N SER D 118 7.52 -9.06 34.69
CA SER D 118 7.55 -10.36 35.36
CA SER D 118 7.56 -10.35 35.34
C SER D 118 8.99 -10.85 35.48
N PHE D 119 9.24 -11.58 36.55
CA PHE D 119 10.52 -12.31 36.70
C PHE D 119 10.14 -13.76 36.99
N TRP D 120 10.68 -14.72 36.26
CA TRP D 120 10.10 -16.05 36.31
C TRP D 120 11.07 -17.05 35.75
N LEU D 121 10.87 -18.29 36.11
CA LEU D 121 11.78 -19.36 35.67
C LEU D 121 10.89 -20.32 34.92
N TYR D 122 11.39 -20.95 33.88
CA TYR D 122 10.52 -21.90 33.18
C TYR D 122 11.35 -22.93 32.44
N SER D 123 10.79 -24.12 32.33
CA SER D 123 11.47 -25.25 31.60
C SER D 123 11.00 -25.44 30.16
N ASP D 124 11.70 -26.29 29.40
CA ASP D 124 11.09 -26.77 28.16
CA ASP D 124 11.18 -26.91 28.17
C ASP D 124 9.92 -27.73 28.52
N PHE D 125 9.14 -28.10 27.49
CA PHE D 125 8.06 -29.05 27.69
C PHE D 125 8.52 -30.38 27.20
N ASP D 126 8.27 -31.42 27.98
CA ASP D 126 8.55 -32.72 27.48
C ASP D 126 7.39 -33.65 27.83
N TYR D 127 6.53 -33.85 26.80
CA TYR D 127 5.24 -34.59 26.94
C TYR D 127 5.50 -36.09 26.83
N SER D 128 6.77 -36.45 26.72
CA SER D 128 7.16 -37.86 26.62
C SER D 128 7.56 -38.49 27.98
N VAL D 129 7.43 -37.74 29.10
CA VAL D 129 7.86 -38.33 30.39
C VAL D 129 6.83 -39.40 30.86
N ALA D 130 7.14 -40.08 31.96
CA ALA D 130 6.32 -41.21 32.46
C ALA D 130 5.11 -40.69 33.20
N ASN D 131 4.10 -41.55 33.38
CA ASN D 131 2.88 -41.15 34.06
C ASN D 131 3.14 -40.51 35.39
N GLY D 132 2.47 -39.41 35.66
CA GLY D 132 2.68 -38.64 36.87
C GLY D 132 3.89 -37.72 36.94
N GLU D 133 4.79 -37.83 36.01
CA GLU D 133 5.99 -36.96 36.03
C GLU D 133 5.67 -35.62 35.45
N THR D 134 6.53 -34.64 35.76
CA THR D 134 6.36 -33.27 35.27
C THR D 134 6.78 -33.05 33.85
N VAL D 135 5.88 -32.53 33.03
CA VAL D 135 6.15 -32.21 31.62
C VAL D 135 6.77 -30.79 31.52
N TYR D 136 6.33 -29.89 32.40
CA TYR D 136 6.62 -28.45 32.32
C TYR D 136 6.60 -27.87 33.71
N SER D 137 7.62 -27.09 34.07
CA SER D 137 7.72 -26.44 35.42
C SER D 137 7.88 -24.96 35.19
N GLU D 138 7.07 -24.17 35.87
CA GLU D 138 7.27 -22.69 35.81
C GLU D 138 7.06 -22.10 37.21
N ILE D 139 8.07 -21.34 37.70
CA ILE D 139 7.91 -20.55 38.91
C ILE D 139 7.93 -19.09 38.57
N ASP D 140 6.81 -18.40 38.87
CA ASP D 140 6.83 -16.96 38.71
C ASP D 140 7.33 -16.32 40.02
N VAL D 141 8.46 -15.65 39.95
CA VAL D 141 8.98 -14.97 41.12
C VAL D 141 8.10 -13.76 41.35
N VAL D 142 7.73 -13.05 40.28
CA VAL D 142 6.59 -12.06 40.46
C VAL D 142 6.04 -11.72 39.09
N GLU D 143 4.75 -11.37 39.06
CA GLU D 143 4.03 -10.79 37.93
C GLU D 143 3.39 -9.50 38.54
N LEU D 144 3.86 -8.35 38.08
CA LEU D 144 3.40 -7.04 38.56
C LEU D 144 2.28 -6.53 37.64
N GLN D 145 1.36 -5.73 38.23
CA GLN D 145 0.42 -4.89 37.49
C GLN D 145 -0.44 -5.63 36.53
N GLN D 146 -0.78 -6.89 36.79
CA GLN D 146 -1.54 -7.50 35.71
C GLN D 146 -3.04 -7.39 35.96
N PHE D 147 -3.42 -6.83 37.08
CA PHE D 147 -4.85 -6.54 37.32
C PHE D 147 -5.69 -7.83 37.16
N ASP D 148 -5.27 -8.90 37.84
CA ASP D 148 -5.91 -10.19 37.73
C ASP D 148 -7.28 -10.05 38.41
N TRP D 149 -8.22 -10.92 37.98
CA TRP D 149 -9.51 -11.03 38.62
C TRP D 149 -9.60 -12.47 39.12
N TYR D 150 -9.88 -12.68 40.39
CA TYR D 150 -9.93 -14.02 40.93
C TYR D 150 -11.08 -14.16 41.90
N GLU D 151 -11.97 -15.10 41.62
CA GLU D 151 -13.13 -15.37 42.49
C GLU D 151 -13.75 -14.09 42.99
N GLY D 152 -14.05 -13.17 42.10
CA GLY D 152 -14.91 -12.06 42.47
C GLY D 152 -14.15 -10.84 42.90
N HIS D 153 -12.81 -10.95 43.05
CA HIS D 153 -11.95 -9.86 43.51
C HIS D 153 -11.09 -9.36 42.36
N GLN D 154 -11.25 -8.09 42.06
CA GLN D 154 -10.54 -7.39 41.06
C GLN D 154 -9.26 -6.78 41.67
N ASP D 155 -8.11 -7.28 41.28
CA ASP D 155 -6.86 -6.58 41.59
C ASP D 155 -6.62 -5.21 40.92
N ASP D 156 -5.77 -4.41 41.60
CA ASP D 156 -5.36 -3.10 41.07
C ASP D 156 -3.83 -3.03 41.00
N ILE D 157 -3.29 -1.81 40.88
CA ILE D 157 -1.88 -1.67 40.64
C ILE D 157 -1.03 -2.14 41.82
N TYR D 158 -1.60 -2.11 43.01
CA TYR D 158 -0.84 -2.49 44.25
C TYR D 158 -0.72 -3.98 44.47
N ASP D 159 -1.53 -4.76 43.73
CA ASP D 159 -1.59 -6.21 43.96
C ASP D 159 -0.59 -6.92 43.02
N MET D 160 0.07 -7.95 43.51
CA MET D 160 0.89 -8.77 42.55
C MET D 160 0.69 -10.24 42.74
N ASP D 161 1.16 -11.05 41.78
CA ASP D 161 0.92 -12.49 41.79
C ASP D 161 2.30 -13.20 41.78
N LEU D 162 2.38 -14.32 42.46
CA LEU D 162 3.71 -15.01 42.61
C LEU D 162 3.42 -16.49 42.48
N ASN D 163 2.85 -16.85 41.33
CA ASN D 163 2.26 -18.19 41.14
C ASN D 163 3.19 -19.30 40.58
N LEU D 164 2.77 -20.55 40.77
CA LEU D 164 3.41 -21.70 40.14
C LEU D 164 2.55 -22.28 39.02
N HIS D 165 3.17 -22.79 37.95
CA HIS D 165 2.37 -23.41 36.92
C HIS D 165 3.11 -24.72 36.60
N ALA D 166 2.35 -25.73 36.18
CA ALA D 166 3.00 -26.99 35.73
C ALA D 166 2.11 -27.73 34.75
N VAL D 167 2.75 -28.60 33.97
CA VAL D 167 1.98 -29.62 33.18
C VAL D 167 2.44 -31.00 33.72
N VAL D 168 1.48 -31.89 34.06
CA VAL D 168 1.83 -33.21 34.59
C VAL D 168 1.25 -34.28 33.67
N LYS D 169 1.99 -35.37 33.51
CA LYS D 169 1.49 -36.38 32.59
C LYS D 169 0.44 -37.23 33.31
N GLU D 170 -0.78 -37.29 32.77
CA GLU D 170 -1.86 -38.14 33.38
C GLU D 170 -2.58 -38.91 32.27
N ASN D 171 -2.63 -40.24 32.40
CA ASN D 171 -3.28 -41.12 31.39
C ASN D 171 -2.96 -40.70 29.96
N GLY D 172 -1.68 -40.46 29.69
CA GLY D 172 -1.25 -40.33 28.34
C GLY D 172 -1.20 -38.90 27.85
N GLN D 173 -1.80 -37.95 28.61
CA GLN D 173 -1.90 -36.52 28.21
C GLN D 173 -1.11 -35.65 29.19
N GLY D 174 -0.64 -34.47 28.73
CA GLY D 174 -0.04 -33.54 29.66
C GLY D 174 -1.19 -32.70 30.15
N VAL D 175 -1.49 -32.72 31.46
CA VAL D 175 -2.66 -32.00 32.03
C VAL D 175 -2.09 -30.73 32.70
N TRP D 176 -2.62 -29.58 32.29
CA TRP D 176 -2.16 -28.29 32.92
C TRP D 176 -2.64 -28.21 34.35
N LYS D 177 -1.74 -27.83 35.27
CA LYS D 177 -2.03 -27.54 36.64
C LYS D 177 -1.83 -26.01 36.79
N ARG D 178 -2.98 -25.29 36.79
CA ARG D 178 -3.03 -23.82 36.75
CA ARG D 178 -2.96 -23.81 36.79
CA ARG D 178 -3.06 -23.81 36.73
C ARG D 178 -3.32 -23.30 38.15
N PRO D 179 -2.76 -22.12 38.49
CA PRO D 179 -2.82 -21.65 39.89
C PRO D 179 -4.32 -21.51 40.34
N LYS D 180 -5.22 -21.12 39.43
CA LYS D 180 -6.61 -20.90 39.83
CA LYS D 180 -6.62 -20.89 39.87
C LYS D 180 -7.38 -22.21 40.00
N MET D 181 -6.84 -23.29 39.42
N MET D 181 -6.87 -23.27 39.38
CA MET D 181 -7.44 -24.62 39.66
CA MET D 181 -7.42 -24.62 39.62
C MET D 181 -6.85 -25.36 40.84
C MET D 181 -6.88 -25.26 40.90
N TYR D 182 -5.63 -24.97 41.23
CA TYR D 182 -4.92 -25.55 42.41
C TYR D 182 -4.42 -24.47 43.35
N PRO D 183 -5.31 -23.62 43.88
CA PRO D 183 -4.80 -22.42 44.57
C PRO D 183 -4.01 -22.66 45.87
N GLN D 184 -4.33 -23.67 46.67
N GLN D 184 -4.38 -23.71 46.61
CA GLN D 184 -3.50 -23.81 47.90
CA GLN D 184 -3.67 -24.08 47.84
C GLN D 184 -2.12 -24.38 47.58
C GLN D 184 -2.19 -24.25 47.50
N GLU D 185 -1.97 -24.96 46.40
CA GLU D 185 -0.62 -25.49 46.03
C GLU D 185 0.13 -24.49 45.19
N GLN D 186 -0.57 -23.58 44.49
CA GLN D 186 0.10 -22.89 43.33
C GLN D 186 -0.19 -21.40 43.27
N LEU D 187 -1.18 -20.89 44.00
CA LEU D 187 -1.54 -19.49 43.81
C LEU D 187 -1.04 -18.62 45.00
N ASN D 188 -0.32 -17.56 44.68
CA ASN D 188 0.08 -16.57 45.72
C ASN D 188 -0.23 -15.19 45.27
N LYS D 189 -0.84 -14.44 46.20
CA LYS D 189 -1.11 -13.00 45.96
C LYS D 189 -0.52 -12.21 47.10
N TRP D 190 -0.03 -11.01 46.80
CA TRP D 190 0.42 -10.07 47.87
C TRP D 190 0.09 -8.66 47.46
N ARG D 191 -0.42 -7.88 48.40
CA ARG D 191 -0.73 -6.46 48.15
C ARG D 191 0.39 -5.57 48.76
N ALA D 192 1.02 -4.72 47.92
CA ALA D 192 2.10 -3.85 48.39
C ALA D 192 1.51 -2.58 49.04
N PRO D 193 2.29 -1.95 49.92
CA PRO D 193 1.87 -0.61 50.40
C PRO D 193 2.43 0.50 49.52
N TRP D 194 3.11 0.11 48.43
CA TRP D 194 3.66 1.04 47.45
C TRP D 194 3.25 0.68 46.07
N ASP D 195 3.41 1.63 45.18
CA ASP D 195 3.02 1.41 43.79
C ASP D 195 4.24 0.81 43.07
N PRO D 196 4.16 -0.44 42.53
CA PRO D 196 5.42 -1.10 42.04
C PRO D 196 6.00 -0.39 40.83
N SER D 197 5.21 0.48 40.15
CA SER D 197 5.75 1.20 39.00
C SER D 197 6.61 2.46 39.38
N LYS D 198 6.64 2.82 40.64
CA LYS D 198 7.25 4.12 41.08
C LYS D 198 8.72 4.04 41.55
N ASP D 199 9.18 2.82 41.83
CA ASP D 199 10.53 2.58 42.38
C ASP D 199 10.92 1.13 42.14
N PHE D 200 12.21 0.89 42.18
CA PHE D 200 12.74 -0.49 42.17
C PHE D 200 12.41 -1.15 43.51
N HIS D 201 12.06 -2.42 43.46
CA HIS D 201 11.94 -3.28 44.66
C HIS D 201 12.59 -4.63 44.39
N ILE D 202 12.88 -5.42 45.46
CA ILE D 202 13.71 -6.61 45.32
CA ILE D 202 13.71 -6.62 45.29
C ILE D 202 12.82 -7.82 45.37
N TYR D 203 12.79 -8.62 44.27
CA TYR D 203 11.83 -9.76 44.20
C TYR D 203 12.71 -10.98 44.22
N GLY D 204 12.50 -11.87 45.21
CA GLY D 204 13.50 -13.00 45.27
C GLY D 204 12.71 -14.28 45.44
N CYS D 205 13.36 -15.40 45.11
CA CYS D 205 12.68 -16.67 45.34
C CYS D 205 13.75 -17.73 45.66
N GLU D 206 13.53 -18.48 46.72
CA GLU D 206 14.42 -19.55 47.15
C GLU D 206 13.77 -20.85 46.80
N VAL D 207 14.48 -21.68 46.00
CA VAL D 207 13.87 -22.90 45.46
C VAL D 207 14.74 -24.07 45.95
N ASN D 208 14.15 -24.99 46.69
CA ASN D 208 14.86 -26.22 47.01
C ASN D 208 13.95 -27.45 46.73
N GLN D 209 14.47 -28.67 46.97
CA GLN D 209 13.77 -29.88 46.62
C GLN D 209 12.45 -29.96 47.42
N ASN D 210 12.35 -29.26 48.56
CA ASN D 210 11.18 -29.38 49.42
C ASN D 210 10.23 -28.25 49.37
N GLU D 211 10.71 -27.01 49.19
CA GLU D 211 9.80 -25.87 49.26
C GLU D 211 10.24 -24.76 48.31
N ILE D 212 9.34 -23.86 48.02
CA ILE D 212 9.66 -22.65 47.25
C ILE D 212 9.21 -21.50 48.16
N ILE D 213 10.04 -20.45 48.34
CA ILE D 213 9.73 -19.35 49.25
C ILE D 213 9.97 -18.06 48.50
N TRP D 214 8.98 -17.15 48.57
CA TRP D 214 9.07 -15.88 47.85
C TRP D 214 9.36 -14.76 48.81
N TYR D 215 10.12 -13.77 48.35
CA TYR D 215 10.51 -12.62 49.18
C TYR D 215 10.26 -11.34 48.43
N VAL D 216 9.76 -10.27 49.13
CA VAL D 216 9.71 -8.94 48.46
C VAL D 216 10.40 -7.96 49.39
N ASP D 217 11.38 -7.18 48.91
CA ASP D 217 12.21 -6.33 49.84
C ASP D 217 12.67 -7.04 51.13
N GLY D 218 13.12 -8.27 50.98
CA GLY D 218 13.77 -8.97 52.06
C GLY D 218 12.81 -9.57 53.07
N VAL D 219 11.51 -9.60 52.78
CA VAL D 219 10.48 -10.15 53.70
C VAL D 219 9.78 -11.29 53.07
N GLU D 220 9.67 -12.42 53.77
CA GLU D 220 9.00 -13.58 53.10
C GLU D 220 7.52 -13.22 52.94
N VAL D 221 6.96 -13.42 51.74
CA VAL D 221 5.55 -13.13 51.42
C VAL D 221 4.72 -14.42 51.05
N ALA D 222 5.38 -15.57 50.73
CA ALA D 222 4.66 -16.78 50.37
C ALA D 222 5.56 -17.92 50.45
N ARG D 223 4.99 -19.12 50.62
CA ARG D 223 5.79 -20.33 50.56
C ARG D 223 4.92 -21.49 50.11
N LYS D 224 5.47 -22.39 49.33
CA LYS D 224 4.66 -23.57 48.85
C LYS D 224 5.52 -24.80 48.84
N PRO D 225 4.92 -25.97 49.11
CA PRO D 225 5.73 -27.19 48.96
C PRO D 225 6.14 -27.40 47.49
N ASN D 226 7.37 -27.91 47.26
CA ASN D 226 7.82 -28.13 45.90
C ASN D 226 7.38 -29.47 45.31
N LYS D 227 6.17 -29.50 44.81
CA LYS D 227 5.61 -30.71 44.32
C LYS D 227 6.10 -31.05 42.89
N TYR D 228 6.17 -30.09 41.99
CA TYR D 228 6.38 -30.42 40.54
C TYR D 228 7.45 -29.49 39.93
N TRP D 229 8.27 -28.88 40.76
CA TRP D 229 9.15 -27.85 40.17
C TRP D 229 10.57 -28.35 40.38
N HIS D 230 10.87 -29.47 39.75
CA HIS D 230 12.22 -30.06 39.87
C HIS D 230 12.90 -30.10 38.49
N ARG D 231 12.36 -29.46 37.48
CA ARG D 231 12.91 -29.58 36.15
C ARG D 231 13.86 -28.41 35.95
N PRO D 232 14.87 -28.55 35.10
CA PRO D 232 15.78 -27.40 34.79
C PRO D 232 15.05 -26.26 34.13
N MET D 233 15.27 -25.05 34.70
CA MET D 233 14.50 -23.87 34.21
C MET D 233 15.45 -22.72 33.81
N ASN D 234 15.06 -21.97 32.77
CA ASN D 234 15.82 -20.77 32.36
C ASN D 234 15.32 -19.59 33.21
N VAL D 235 16.22 -18.65 33.46
CA VAL D 235 15.89 -17.47 34.33
C VAL D 235 15.47 -16.34 33.36
N THR D 236 14.30 -15.70 33.63
CA THR D 236 13.63 -14.90 32.60
C THR D 236 13.14 -13.59 33.28
N LEU D 237 13.34 -12.47 32.57
CA LEU D 237 12.68 -11.17 32.90
C LEU D 237 11.99 -10.75 31.61
N SER D 238 10.70 -10.43 31.67
CA SER D 238 10.06 -10.06 30.40
C SER D 238 8.90 -9.17 30.69
N LEU D 239 8.46 -8.46 29.68
CA LEU D 239 7.26 -7.59 29.84
C LEU D 239 6.12 -8.18 28.98
N GLY D 240 5.03 -8.64 29.61
CA GLY D 240 3.93 -9.34 28.89
C GLY D 240 2.86 -8.29 28.60
N LEU D 241 1.98 -8.65 27.65
CA LEU D 241 0.81 -7.80 27.29
C LEU D 241 -0.41 -8.29 28.06
N ARG D 242 -1.30 -7.38 28.43
CA ARG D 242 -2.50 -7.78 29.24
C ARG D 242 -3.67 -6.94 28.73
N LYS D 243 -4.81 -7.19 29.33
CA LYS D 243 -6.02 -6.41 29.07
CA LYS D 243 -6.01 -6.39 29.03
C LYS D 243 -5.66 -4.92 29.30
N PRO D 244 -6.16 -3.99 28.47
CA PRO D 244 -7.19 -4.19 27.38
C PRO D 244 -6.66 -4.62 25.99
N PHE D 245 -5.41 -5.09 25.86
CA PHE D 245 -4.78 -5.30 24.57
C PHE D 245 -4.87 -6.75 24.11
N VAL D 246 -5.46 -7.55 24.96
CA VAL D 246 -5.68 -9.00 24.71
C VAL D 246 -6.99 -9.42 25.34
N LYS D 247 -7.58 -10.46 24.73
CA LYS D 247 -8.79 -11.05 25.28
C LYS D 247 -8.58 -12.54 25.60
N PHE D 248 -9.10 -12.94 26.76
CA PHE D 248 -8.99 -14.32 27.30
C PHE D 248 -10.12 -15.25 26.85
N PHE D 249 -9.70 -16.35 26.23
CA PHE D 249 -10.60 -17.47 25.93
C PHE D 249 -9.75 -18.66 25.57
N ASP D 250 -10.34 -19.84 25.71
CA ASP D 250 -9.66 -21.09 25.44
C ASP D 250 -8.29 -21.09 26.11
N ASN D 251 -8.25 -20.58 27.33
CA ASN D 251 -7.06 -20.65 28.17
C ASN D 251 -5.78 -19.86 27.84
N LYS D 252 -5.83 -18.90 26.89
CA LYS D 252 -4.68 -18.03 26.55
CA LYS D 252 -4.69 -17.95 26.76
C LYS D 252 -5.14 -16.59 26.22
N ASN D 253 -4.24 -15.63 26.44
CA ASN D 253 -4.31 -14.29 25.84
CA ASN D 253 -4.41 -14.30 25.86
C ASN D 253 -4.36 -14.41 24.32
N ASN D 254 -5.34 -13.76 23.70
CA ASN D 254 -5.45 -13.65 22.24
C ASN D 254 -5.36 -12.16 21.86
N ALA D 255 -4.59 -11.86 20.83
CA ALA D 255 -4.43 -10.45 20.40
C ALA D 255 -5.78 -9.89 19.86
N ILE D 256 -6.07 -8.65 20.31
CA ILE D 256 -7.14 -7.70 19.82
C ILE D 256 -6.45 -6.72 18.84
N ASN D 257 -7.09 -6.33 17.73
CA ASN D 257 -6.66 -5.12 17.00
C ASN D 257 -6.85 -3.93 17.97
N PRO D 258 -5.73 -3.30 18.40
CA PRO D 258 -5.94 -2.28 19.43
C PRO D 258 -6.75 -1.09 18.93
N GLU D 259 -6.76 -0.89 17.61
CA GLU D 259 -7.41 0.28 17.02
C GLU D 259 -8.87 0.05 16.82
N THR D 260 -9.36 -1.13 17.11
CA THR D 260 -10.80 -1.38 17.00
C THR D 260 -11.54 -1.64 18.32
N ASP D 261 -10.88 -1.40 19.46
CA ASP D 261 -11.54 -1.52 20.79
C ASP D 261 -11.35 -0.22 21.56
N ALA D 262 -12.44 0.33 22.15
CA ALA D 262 -12.38 1.66 22.77
C ALA D 262 -11.28 1.78 23.81
N LYS D 263 -11.20 0.84 24.75
CA LYS D 263 -10.21 0.94 25.86
C LYS D 263 -8.78 0.76 25.39
N ALA D 264 -8.59 -0.23 24.52
CA ALA D 264 -7.25 -0.40 23.91
C ALA D 264 -6.82 0.79 23.07
N ARG D 265 -7.74 1.35 22.28
CA ARG D 265 -7.48 2.55 21.52
C ARG D 265 -7.02 3.73 22.37
N GLU D 266 -7.66 3.92 23.51
CA GLU D 266 -7.32 5.08 24.28
C GLU D 266 -6.03 4.88 25.05
N LYS D 267 -5.75 3.62 25.38
CA LYS D 267 -4.46 3.26 26.03
C LYS D 267 -3.26 3.28 25.13
N LEU D 268 -3.46 3.24 23.80
CA LEU D 268 -2.34 3.37 22.83
C LEU D 268 -1.49 4.61 23.04
N SER D 269 -2.09 5.70 23.51
N SER D 269 -2.10 5.68 23.54
CA SER D 269 -1.33 6.89 23.83
CA SER D 269 -1.43 6.92 23.94
C SER D 269 -0.21 6.60 24.81
C SER D 269 -0.38 6.76 25.03
N ASP D 270 -0.39 5.60 25.68
CA ASP D 270 0.53 5.29 26.78
C ASP D 270 1.51 4.20 26.42
N ILE D 271 1.54 3.83 25.15
CA ILE D 271 2.52 2.89 24.58
C ILE D 271 3.40 3.76 23.69
N PRO D 272 4.73 3.54 23.71
CA PRO D 272 5.51 2.46 24.38
C PRO D 272 5.53 2.61 25.90
N THR D 273 5.75 1.51 26.62
CA THR D 273 5.89 1.61 28.10
C THR D 273 6.99 0.61 28.44
N SER D 274 7.72 0.81 29.55
CA SER D 274 8.84 -0.05 29.84
C SER D 274 8.83 -0.52 31.29
N MET D 275 9.45 -1.67 31.48
CA MET D 275 9.85 -2.03 32.87
C MET D 275 11.38 -1.88 32.98
N TYR D 276 11.90 -1.76 34.22
CA TYR D 276 13.37 -1.47 34.37
C TYR D 276 13.93 -2.45 35.33
N VAL D 277 15.14 -2.94 35.08
CA VAL D 277 15.76 -3.87 35.97
C VAL D 277 17.21 -3.36 36.28
N ASP D 278 17.51 -3.21 37.57
CA ASP D 278 18.80 -2.69 37.94
C ASP D 278 19.75 -3.86 38.02
N TYR D 279 19.32 -5.03 38.47
CA TYR D 279 20.22 -6.23 38.43
C TYR D 279 19.36 -7.48 38.46
N VAL D 280 19.97 -8.57 38.00
CA VAL D 280 19.39 -9.89 38.32
C VAL D 280 20.59 -10.71 38.86
N ARG D 281 20.31 -11.54 39.88
CA ARG D 281 21.38 -12.29 40.49
C ARG D 281 20.83 -13.66 40.82
N VAL D 282 21.64 -14.71 40.53
CA VAL D 282 21.25 -16.10 40.76
C VAL D 282 22.38 -16.77 41.56
N TRP D 283 22.01 -17.52 42.60
CA TRP D 283 23.02 -18.24 43.38
C TRP D 283 22.61 -19.68 43.47
N GLU D 284 23.62 -20.55 43.60
CA GLU D 284 23.35 -21.92 44.02
CA GLU D 284 23.45 -21.94 43.96
C GLU D 284 23.93 -22.08 45.44
N LYS D 285 23.28 -22.96 46.19
CA LYS D 285 23.59 -23.19 47.57
C LYS D 285 24.89 -24.02 47.60
N SER D 286 25.87 -23.59 48.42
CA SER D 286 27.28 -24.13 48.34
C SER D 286 27.38 -25.49 48.98
C1 GOL E . 0.28 -23.41 -1.17
O1 GOL E . -0.34 -23.59 0.15
C2 GOL E . 1.57 -22.55 -1.16
O2 GOL E . 2.61 -23.14 -0.41
C3 GOL E . 1.22 -21.34 -0.26
O3 GOL E . 2.13 -20.27 -0.50
MG MG F . -9.73 -39.54 -11.64
MG MG G . -6.14 -45.13 -10.48
C1 GOL H . -6.51 13.60 -32.19
O1 GOL H . -6.83 13.42 -30.79
C2 GOL H . -5.33 14.58 -32.35
O2 GOL H . -4.19 14.14 -31.59
C3 GOL H . -5.68 15.88 -31.61
O3 GOL H . -4.59 16.87 -31.78
MG MG I . -15.82 -3.58 -41.46
MG MG J . -11.94 -9.13 -40.44
C1 GOL K . -11.18 35.35 -31.76
O1 GOL K . -12.36 35.87 -31.14
C2 GOL K . -11.40 34.00 -32.43
O2 GOL K . -12.76 33.58 -32.55
C3 GOL K . -10.95 34.03 -33.86
O3 GOL K . -11.52 32.80 -34.28
C1 GOL L . -2.75 23.46 2.02
O1 GOL L . -2.92 22.13 1.44
C2 GOL L . -1.44 23.97 1.26
O2 GOL L . -1.77 23.96 -0.13
C3 GOL L . -1.08 25.40 1.68
O3 GOL L . -2.16 26.41 1.60
C1 GOL M . -11.94 13.14 14.90
O1 GOL M . -11.60 14.35 15.63
C2 GOL M . -10.64 12.41 14.79
O2 GOL M . -9.67 13.37 15.15
C3 GOL M . -10.58 11.17 15.65
O3 GOL M . -10.15 10.14 14.76
MG MG N . 15.91 38.77 4.73
MG MG O . 17.98 41.13 -1.13
C1 GOL P . 3.43 -16.15 33.29
O1 GOL P . 3.15 -17.49 32.76
C2 GOL P . 4.73 -15.73 32.57
O2 GOL P . 4.58 -15.60 31.15
C3 GOL P . 5.19 -14.37 33.09
O3 GOL P . 4.10 -13.36 32.98
MG MG Q . 22.58 -2.09 37.54
MG MG R . 24.57 0.95 31.39
#